data_2XUC
#
_entry.id   2XUC
#
_cell.length_a   100.039
_cell.length_b   100.039
_cell.length_c   111.156
_cell.angle_alpha   90.00
_cell.angle_beta   90.00
_cell.angle_gamma   120.00
#
_symmetry.space_group_name_H-M   'P 32'
#
loop_
_entity.id
_entity.type
_entity.pdbx_description
1 polymer CHITINASE
2 non-polymer 1-methyl-3-(N-methylcarbamimidoyl)urea
3 non-polymer 'PHOSPHATE ION'
4 non-polymer 'CHLORIDE ION'
5 water water
#
_entity_poly.entity_id   1
_entity_poly.type   'polypeptide(L)'
_entity_poly.pdbx_seq_one_letter_code
;FSNLAIYWGQGPNQLRLSHFCQETSLDIINIGFINYFPDMSPGHWPGSNFGNQCDGSVYVTNDGVVTKLLSGCHQIMEDI
PICQAAGKKVLLSIGGAYPPDQSILSEDSAVAFATFLWGAFGPVAEGWEGPRPFGDVVVDGFDFDIEHNGGFGYATMVNT
FRQYFNQVPERKFYLSAAPQCIIPDAQLSDAIFNAAFDFIWIQYYNTAACSAKSFIDTSLGTFNFDAWVTVLKASASKDA
KLYVGLPASETAANQGYYLTPDEVESLVSTYMDRYPDTFGGIMLWEATASENNQIDGAPYADHMKDILLH
;
_entity_poly.pdbx_strand_id   A,B,C
#
# COMPACT_ATOMS: atom_id res chain seq x y z
N PHE A 1 -6.63 37.70 11.76
CA PHE A 1 -6.41 36.39 12.42
C PHE A 1 -6.02 35.31 11.38
N SER A 2 -4.92 34.59 11.67
CA SER A 2 -4.09 33.89 10.63
C SER A 2 -4.21 32.33 10.49
N ASN A 3 -4.12 31.92 9.23
CA ASN A 3 -4.69 30.69 8.76
C ASN A 3 -3.68 29.55 8.58
N LEU A 4 -4.22 28.33 8.53
CA LEU A 4 -3.39 27.17 8.32
C LEU A 4 -3.93 26.45 7.09
N ALA A 5 -3.10 26.30 6.06
CA ALA A 5 -3.49 25.56 4.83
C ALA A 5 -2.71 24.28 4.85
N ILE A 6 -3.25 23.24 4.23
CA ILE A 6 -2.60 21.92 4.16
C ILE A 6 -2.97 21.21 2.83
N TYR A 7 -2.05 20.42 2.32
CA TYR A 7 -2.27 19.62 1.12
C TYR A 7 -2.68 18.23 1.55
N TRP A 8 -3.62 17.65 0.83
CA TRP A 8 -4.10 16.32 1.16
C TRP A 8 -4.20 15.65 -0.22
N GLY A 9 -4.16 14.33 -0.28
CA GLY A 9 -4.45 13.69 -1.55
C GLY A 9 -3.32 12.85 -2.06
N GLN A 10 -2.08 13.20 -1.69
CA GLN A 10 -0.89 12.49 -2.11
C GLN A 10 -0.11 11.80 -0.97
N GLY A 11 -0.81 11.51 0.12
CA GLY A 11 -0.19 10.88 1.29
C GLY A 11 -0.21 9.36 1.13
N PRO A 12 0.93 8.70 1.42
CA PRO A 12 0.98 7.25 1.32
C PRO A 12 0.08 6.64 2.40
N ASN A 13 -0.81 5.72 1.97
CA ASN A 13 -1.82 5.11 2.86
C ASN A 13 -2.63 6.20 3.59
N GLN A 14 -2.86 7.34 2.94
CA GLN A 14 -3.60 8.41 3.60
C GLN A 14 -4.97 8.00 4.14
N LEU A 15 -5.30 8.51 5.31
CA LEU A 15 -6.70 8.54 5.75
C LEU A 15 -7.53 9.41 4.79
N ARG A 16 -8.83 9.13 4.75
CA ARG A 16 -9.76 9.79 3.87
C ARG A 16 -9.91 11.26 4.34
N LEU A 17 -10.39 12.09 3.42
CA LEU A 17 -10.45 13.55 3.63
C LEU A 17 -11.22 13.92 4.93
N SER A 18 -12.30 13.18 5.18
CA SER A 18 -13.15 13.42 6.35
C SER A 18 -12.39 13.32 7.67
N HIS A 19 -11.35 12.51 7.75
CA HIS A 19 -10.52 12.52 8.95
C HIS A 19 -9.94 13.95 9.18
N PHE A 20 -9.52 14.64 8.12
CA PHE A 20 -8.94 16.01 8.23
C PHE A 20 -9.99 17.09 8.31
N CYS A 21 -11.16 16.82 7.76
CA CYS A 21 -12.31 17.66 7.99
C CYS A 21 -12.61 17.87 9.45
N GLN A 22 -12.24 16.89 10.28
CA GLN A 22 -12.49 16.93 11.73
C GLN A 22 -11.37 17.48 12.56
N GLU A 23 -10.29 17.88 11.92
CA GLU A 23 -9.19 18.47 12.66
C GLU A 23 -9.48 19.98 12.61
N THR A 24 -10.05 20.50 13.71
CA THR A 24 -10.43 21.91 13.89
C THR A 24 -9.35 22.94 13.45
N SER A 25 -8.07 22.62 13.62
CA SER A 25 -7.00 23.59 13.42
C SER A 25 -6.80 23.95 11.93
N LEU A 26 -7.30 23.09 11.03
CA LEU A 26 -7.24 23.32 9.61
C LEU A 26 -8.19 24.37 9.06
N ASP A 27 -7.62 25.32 8.32
CA ASP A 27 -8.42 26.35 7.75
C ASP A 27 -8.72 26.15 6.27
N ILE A 28 -7.80 25.52 5.54
CA ILE A 28 -7.84 25.45 4.09
C ILE A 28 -7.20 24.15 3.71
N ILE A 29 -7.82 23.41 2.81
CA ILE A 29 -7.26 22.12 2.37
C ILE A 29 -7.17 22.15 0.89
N ASN A 30 -5.95 22.00 0.39
CA ASN A 30 -5.74 21.93 -1.04
C ASN A 30 -5.66 20.47 -1.43
N ILE A 31 -6.45 20.05 -2.43
CA ILE A 31 -6.52 18.62 -2.78
C ILE A 31 -5.76 18.30 -4.09
N GLY A 32 -4.71 17.51 -3.99
CA GLY A 32 -3.91 17.32 -5.22
C GLY A 32 -3.97 15.94 -5.82
N PHE A 33 -3.94 15.85 -7.15
CA PHE A 33 -3.75 16.97 -8.09
C PHE A 33 -4.50 16.69 -9.38
N ILE A 34 -4.74 17.73 -10.15
CA ILE A 34 -5.10 17.60 -11.54
C ILE A 34 -3.74 17.74 -12.19
N ASN A 35 -3.14 16.60 -12.50
CA ASN A 35 -1.75 16.49 -12.80
C ASN A 35 -1.52 16.17 -14.28
N TYR A 36 -2.60 16.06 -15.06
CA TYR A 36 -2.48 15.90 -16.53
C TYR A 36 -3.20 17.05 -17.14
N PHE A 37 -2.50 17.78 -18.02
CA PHE A 37 -3.05 19.00 -18.62
C PHE A 37 -3.59 18.69 -20.03
N PRO A 38 -4.54 19.48 -20.52
CA PRO A 38 -5.22 19.10 -21.70
C PRO A 38 -4.35 18.94 -22.97
N ASP A 39 -3.31 19.74 -23.11
CA ASP A 39 -2.57 19.69 -24.39
C ASP A 39 -1.88 18.38 -24.62
N MET A 40 -1.53 17.65 -23.55
CA MET A 40 -0.78 16.42 -23.74
C MET A 40 -1.49 15.16 -23.24
N SER A 41 -2.79 15.22 -23.08
CA SER A 41 -3.42 14.10 -22.44
C SER A 41 -4.64 13.67 -23.27
N PRO A 42 -5.05 12.39 -23.18
CA PRO A 42 -6.11 11.88 -24.09
C PRO A 42 -7.41 12.65 -24.15
N GLY A 43 -7.85 13.01 -25.37
CA GLY A 43 -9.14 13.68 -25.55
C GLY A 43 -9.10 15.20 -25.31
N HIS A 44 -7.89 15.75 -25.08
CA HIS A 44 -7.76 17.13 -24.53
C HIS A 44 -8.55 17.37 -23.24
N TRP A 45 -8.84 16.31 -22.47
CA TRP A 45 -9.36 16.49 -21.10
C TRP A 45 -8.17 16.49 -20.12
N PRO A 46 -8.28 17.28 -19.05
CA PRO A 46 -7.28 17.07 -17.99
C PRO A 46 -7.47 15.72 -17.28
N GLY A 47 -6.46 15.32 -16.51
CA GLY A 47 -6.46 14.04 -15.80
C GLY A 47 -6.13 14.31 -14.34
N SER A 48 -6.37 13.33 -13.47
CA SER A 48 -6.28 13.60 -12.04
C SER A 48 -5.57 12.43 -11.37
N ASN A 49 -5.03 12.68 -10.19
CA ASN A 49 -4.52 11.56 -9.40
C ASN A 49 -4.76 11.90 -7.97
N PHE A 50 -5.45 11.03 -7.25
CA PHE A 50 -5.61 11.27 -5.79
C PHE A 50 -5.11 10.15 -4.88
N GLY A 51 -4.04 9.44 -5.25
CA GLY A 51 -3.51 8.38 -4.38
C GLY A 51 -4.52 7.26 -4.18
N ASN A 52 -4.64 6.73 -2.95
CA ASN A 52 -5.57 5.62 -2.66
C ASN A 52 -7.04 6.02 -2.54
N GLN A 53 -7.40 7.24 -2.94
CA GLN A 53 -8.83 7.61 -2.95
C GLN A 53 -9.93 7.27 -3.95
N CYS A 54 -9.65 6.97 -5.20
CA CYS A 54 -10.83 6.95 -6.13
C CYS A 54 -11.42 5.67 -6.80
N ASP A 55 -10.63 4.60 -6.83
CA ASP A 55 -11.03 3.31 -7.43
C ASP A 55 -10.26 3.10 -8.74
N GLY A 56 -9.82 4.16 -9.42
CA GLY A 56 -8.98 3.97 -10.63
C GLY A 56 -9.70 3.98 -11.98
N SER A 57 -11.03 3.88 -11.98
CA SER A 57 -11.88 4.20 -13.12
C SER A 57 -11.61 5.60 -13.68
N VAL A 58 -11.52 5.70 -15.00
CA VAL A 58 -11.31 6.97 -15.67
C VAL A 58 -12.54 7.21 -16.54
N TYR A 59 -12.81 8.46 -16.90
CA TYR A 59 -13.85 8.74 -17.89
C TYR A 59 -13.36 8.30 -19.25
N VAL A 60 -14.33 7.83 -20.04
CA VAL A 60 -14.19 7.65 -21.46
C VAL A 60 -15.14 8.66 -22.07
N THR A 61 -14.69 9.43 -23.06
CA THR A 61 -15.49 10.47 -23.68
C THR A 61 -16.59 9.91 -24.58
N ASN A 62 -17.52 10.78 -25.02
CA ASN A 62 -18.55 10.41 -26.01
C ASN A 62 -17.92 9.76 -27.26
N ASP A 63 -16.66 10.07 -27.51
CA ASP A 63 -15.97 9.57 -28.67
C ASP A 63 -15.30 8.24 -28.44
N GLY A 64 -15.42 7.73 -27.22
CA GLY A 64 -14.75 6.52 -26.84
C GLY A 64 -13.27 6.68 -26.58
N VAL A 65 -12.80 7.93 -26.38
CA VAL A 65 -11.39 8.11 -25.94
C VAL A 65 -11.27 7.95 -24.40
N VAL A 66 -10.38 7.05 -23.97
CA VAL A 66 -10.08 6.75 -22.57
C VAL A 66 -9.21 7.90 -22.03
N THR A 67 -9.74 8.64 -21.04
CA THR A 67 -9.04 9.82 -20.53
C THR A 67 -8.16 9.40 -19.36
N LYS A 68 -7.48 10.37 -18.74
CA LYS A 68 -6.78 10.19 -17.44
C LYS A 68 -7.51 10.88 -16.26
N LEU A 69 -8.76 11.29 -16.48
CA LEU A 69 -9.60 11.84 -15.46
C LEU A 69 -10.36 10.74 -14.72
N LEU A 70 -9.99 10.58 -13.46
CA LEU A 70 -10.66 9.66 -12.51
C LEU A 70 -12.14 9.96 -12.32
N SER A 71 -12.93 8.90 -12.51
CA SER A 71 -14.38 8.96 -12.46
C SER A 71 -14.96 8.26 -11.22
N GLY A 72 -14.13 7.63 -10.41
CA GLY A 72 -14.69 6.90 -9.27
C GLY A 72 -14.13 7.41 -7.95
N CYS A 73 -14.30 8.70 -7.67
CA CYS A 73 -13.73 9.25 -6.42
C CYS A 73 -14.78 9.45 -5.32
N HIS A 74 -15.51 8.38 -5.01
CA HIS A 74 -16.71 8.50 -4.15
C HIS A 74 -16.45 9.06 -2.75
N GLN A 75 -15.33 8.70 -2.15
CA GLN A 75 -14.95 9.20 -0.82
C GLN A 75 -14.64 10.69 -0.77
N ILE A 76 -14.12 11.24 -1.87
CA ILE A 76 -13.79 12.65 -1.92
C ILE A 76 -15.10 13.48 -2.08
N MET A 77 -15.93 13.05 -2.99
CA MET A 77 -17.26 13.57 -3.15
C MET A 77 -18.04 13.61 -1.83
N GLU A 78 -17.98 12.54 -1.03
CA GLU A 78 -18.67 12.60 0.28
C GLU A 78 -18.03 13.56 1.25
N ASP A 79 -16.71 13.69 1.17
CA ASP A 79 -15.95 14.32 2.21
C ASP A 79 -15.83 15.81 2.03
N ILE A 80 -15.65 16.31 0.80
CA ILE A 80 -15.48 17.73 0.62
C ILE A 80 -16.56 18.60 1.38
N PRO A 81 -17.88 18.27 1.25
CA PRO A 81 -18.92 19.10 2.00
C PRO A 81 -18.84 19.09 3.52
N ILE A 82 -18.29 18.02 4.08
CA ILE A 82 -18.10 17.90 5.50
C ILE A 82 -17.12 18.97 5.92
N CYS A 83 -16.04 19.10 5.13
CA CYS A 83 -14.97 20.04 5.38
C CYS A 83 -15.54 21.40 5.24
N GLN A 84 -16.36 21.59 4.21
CA GLN A 84 -16.99 22.87 4.00
C GLN A 84 -18.00 23.24 5.08
N ALA A 85 -18.67 22.25 5.72
CA ALA A 85 -19.61 22.57 6.84
C ALA A 85 -18.87 22.80 8.15
N ALA A 86 -17.59 22.43 8.17
CA ALA A 86 -16.70 22.80 9.28
C ALA A 86 -16.07 24.19 9.00
N GLY A 87 -16.55 24.86 7.96
CA GLY A 87 -16.04 26.18 7.71
C GLY A 87 -14.72 26.25 6.96
N LYS A 88 -14.16 25.10 6.58
CA LYS A 88 -12.91 25.09 5.80
C LYS A 88 -13.16 25.40 4.34
N LYS A 89 -12.12 25.92 3.69
CA LYS A 89 -12.11 26.16 2.25
C LYS A 89 -11.38 25.03 1.62
N VAL A 90 -12.01 24.44 0.60
CA VAL A 90 -11.42 23.30 -0.11
C VAL A 90 -11.10 23.77 -1.49
N LEU A 91 -9.82 23.62 -1.84
CA LEU A 91 -9.36 24.14 -3.11
C LEU A 91 -8.83 22.95 -3.92
N LEU A 92 -9.04 22.97 -5.21
CA LEU A 92 -8.59 21.86 -6.03
C LEU A 92 -7.27 22.27 -6.67
N SER A 93 -6.25 21.46 -6.45
CA SER A 93 -4.92 21.83 -6.82
C SER A 93 -4.51 21.33 -8.20
N ILE A 94 -3.86 22.20 -8.97
CA ILE A 94 -3.49 21.85 -10.34
C ILE A 94 -1.98 21.70 -10.40
N GLY A 95 -1.52 20.58 -10.97
CA GLY A 95 -0.08 20.30 -11.16
C GLY A 95 0.50 19.28 -10.16
N GLY A 96 1.33 19.76 -9.21
CA GLY A 96 2.16 18.92 -8.33
C GLY A 96 3.47 18.48 -9.00
N ALA A 97 4.13 17.46 -8.45
CA ALA A 97 5.44 16.98 -8.94
C ALA A 97 5.45 15.97 -10.10
N TYR A 98 4.45 15.09 -10.16
CA TYR A 98 4.46 14.01 -11.11
C TYR A 98 3.19 14.06 -11.94
N PRO A 99 3.30 13.99 -13.25
CA PRO A 99 4.52 13.80 -14.03
C PRO A 99 5.20 15.14 -14.35
N PRO A 100 6.46 15.11 -14.79
CA PRO A 100 7.16 16.40 -14.88
C PRO A 100 7.13 17.03 -16.29
N ASP A 101 6.19 16.60 -17.14
CA ASP A 101 6.20 16.96 -18.55
C ASP A 101 4.95 17.64 -19.07
N GLN A 102 4.22 18.28 -18.16
CA GLN A 102 2.95 18.95 -18.46
C GLN A 102 3.13 20.45 -18.47
N SER A 103 2.40 21.13 -19.34
CA SER A 103 2.40 22.57 -19.46
C SER A 103 1.21 22.93 -20.36
N ILE A 104 1.07 24.23 -20.59
CA ILE A 104 0.08 24.81 -21.48
C ILE A 104 0.76 25.38 -22.74
N LEU A 105 0.21 25.01 -23.89
CA LEU A 105 0.82 25.35 -25.17
C LEU A 105 0.26 26.58 -25.90
N SER A 106 -0.94 27.04 -25.57
CA SER A 106 -1.57 28.16 -26.31
C SER A 106 -2.48 28.86 -25.36
N GLU A 107 -2.83 30.10 -25.67
CA GLU A 107 -3.76 30.85 -24.83
C GLU A 107 -5.16 30.24 -24.90
N ASP A 108 -5.49 29.66 -26.07
CA ASP A 108 -6.78 29.05 -26.33
C ASP A 108 -6.98 27.93 -25.34
N SER A 109 -5.98 27.04 -25.28
CA SER A 109 -6.02 25.87 -24.39
C SER A 109 -5.99 26.29 -22.89
N ALA A 110 -5.41 27.46 -22.60
CA ALA A 110 -5.38 28.00 -21.23
C ALA A 110 -6.82 28.38 -20.86
N VAL A 111 -7.52 29.06 -21.76
CA VAL A 111 -8.94 29.34 -21.59
C VAL A 111 -9.81 28.06 -21.45
N ALA A 112 -9.59 27.08 -22.33
CA ALA A 112 -10.38 25.85 -22.25
C ALA A 112 -10.03 25.05 -20.97
N PHE A 113 -8.77 25.13 -20.51
CA PHE A 113 -8.38 24.35 -19.29
C PHE A 113 -9.18 24.89 -18.08
N ALA A 114 -9.21 26.22 -17.92
CA ALA A 114 -10.00 26.82 -16.83
C ALA A 114 -11.50 26.59 -16.97
N THR A 115 -12.00 26.62 -18.20
CA THR A 115 -13.45 26.44 -18.49
C THR A 115 -13.88 25.02 -18.18
N PHE A 116 -13.03 24.06 -18.58
CA PHE A 116 -13.23 22.68 -18.16
C PHE A 116 -13.33 22.44 -16.63
N LEU A 117 -12.38 23.01 -15.86
CA LEU A 117 -12.31 22.80 -14.43
C LEU A 117 -13.47 23.49 -13.79
N TRP A 118 -13.88 24.63 -14.34
CA TRP A 118 -15.03 25.37 -13.77
C TRP A 118 -16.32 24.58 -14.07
N GLY A 119 -16.47 24.02 -15.28
CA GLY A 119 -17.64 23.21 -15.56
C GLY A 119 -17.67 21.93 -14.72
N ALA A 120 -16.50 21.29 -14.56
CA ALA A 120 -16.40 19.98 -13.93
C ALA A 120 -16.47 20.00 -12.42
N PHE A 121 -15.90 21.02 -11.78
CA PHE A 121 -15.76 21.06 -10.32
C PHE A 121 -16.35 22.34 -9.68
N GLY A 122 -16.71 23.31 -10.52
CA GLY A 122 -17.40 24.47 -10.02
C GLY A 122 -18.90 24.23 -9.87
N PRO A 123 -19.70 25.32 -9.79
CA PRO A 123 -21.16 25.21 -9.68
C PRO A 123 -21.74 24.35 -10.80
N VAL A 124 -22.86 23.67 -10.51
CA VAL A 124 -23.57 22.93 -11.54
C VAL A 124 -24.20 23.93 -12.50
N ALA A 125 -23.94 23.78 -13.80
CA ALA A 125 -24.46 24.67 -14.84
C ALA A 125 -25.41 23.93 -15.71
N GLU A 126 -26.43 24.65 -16.18
CA GLU A 126 -27.41 24.13 -17.16
C GLU A 126 -26.81 23.57 -18.45
N GLY A 127 -25.95 24.36 -19.10
CA GLY A 127 -25.37 23.91 -20.37
C GLY A 127 -24.14 23.02 -20.27
N TRP A 128 -23.66 22.75 -19.05
CA TRP A 128 -22.51 21.85 -18.91
C TRP A 128 -22.77 20.46 -19.43
N GLU A 129 -21.88 19.98 -20.29
CA GLU A 129 -21.95 18.57 -20.57
C GLU A 129 -20.61 17.93 -20.63
N GLY A 130 -19.92 17.91 -19.49
CA GLY A 130 -18.70 17.12 -19.39
C GLY A 130 -18.82 16.34 -18.11
N PRO A 131 -17.69 15.93 -17.54
CA PRO A 131 -17.79 15.14 -16.33
C PRO A 131 -18.14 16.00 -15.14
N ARG A 132 -18.59 15.36 -14.07
CA ARG A 132 -18.73 15.95 -12.75
C ARG A 132 -18.07 14.95 -11.84
N PRO A 133 -16.70 14.96 -11.74
CA PRO A 133 -15.94 13.91 -10.97
C PRO A 133 -16.24 13.86 -9.47
N PHE A 134 -16.67 15.01 -8.92
CA PHE A 134 -17.16 15.06 -7.52
C PHE A 134 -18.64 15.32 -7.49
N GLY A 135 -19.35 14.98 -8.57
CA GLY A 135 -20.81 15.12 -8.58
C GLY A 135 -21.26 16.56 -8.34
N ASP A 136 -22.17 16.75 -7.37
CA ASP A 136 -22.79 18.04 -7.09
C ASP A 136 -21.89 18.90 -6.20
N VAL A 137 -20.79 18.37 -5.68
CA VAL A 137 -19.78 19.19 -4.98
C VAL A 137 -19.39 20.46 -5.77
N VAL A 138 -19.21 21.57 -5.04
CA VAL A 138 -18.72 22.80 -5.61
C VAL A 138 -17.51 23.21 -4.81
N VAL A 139 -16.31 23.09 -5.41
CA VAL A 139 -15.08 23.37 -4.62
C VAL A 139 -15.07 24.87 -4.39
N ASP A 140 -14.30 25.31 -3.43
CA ASP A 140 -14.17 26.75 -3.15
C ASP A 140 -13.14 27.51 -4.02
N GLY A 141 -12.47 26.79 -4.89
CA GLY A 141 -11.64 27.46 -5.87
C GLY A 141 -10.46 26.57 -6.24
N PHE A 142 -9.41 27.19 -6.77
CA PHE A 142 -8.33 26.41 -7.40
C PHE A 142 -6.96 26.87 -7.01
N ASP A 143 -6.07 25.89 -6.89
CA ASP A 143 -4.70 26.10 -6.48
C ASP A 143 -3.77 25.70 -7.62
N PHE A 144 -2.77 26.58 -7.86
CA PHE A 144 -1.79 26.46 -8.93
C PHE A 144 -0.46 26.03 -8.34
N ASP A 145 -0.19 24.73 -8.41
CA ASP A 145 1.02 24.14 -7.90
C ASP A 145 1.82 23.63 -9.11
N ILE A 146 2.16 24.56 -9.99
CA ILE A 146 2.94 24.33 -11.23
C ILE A 146 4.45 24.28 -10.85
N GLU A 147 5.07 23.12 -11.05
CA GLU A 147 6.45 22.90 -10.57
C GLU A 147 7.49 22.69 -11.66
N HIS A 148 7.03 22.71 -12.91
CA HIS A 148 7.87 22.42 -14.08
C HIS A 148 7.42 23.16 -15.32
N ASN A 149 8.41 23.51 -16.17
CA ASN A 149 8.21 23.74 -17.59
C ASN A 149 7.78 25.13 -17.93
N GLY A 150 7.95 26.05 -16.98
CA GLY A 150 7.85 27.44 -17.33
C GLY A 150 6.50 27.96 -16.95
N GLY A 151 6.29 29.25 -17.20
CA GLY A 151 5.11 29.94 -16.67
C GLY A 151 4.03 30.32 -17.64
N PHE A 152 4.20 29.96 -18.91
CA PHE A 152 3.17 30.22 -19.93
C PHE A 152 1.73 29.75 -19.62
N GLY A 153 0.77 30.66 -19.82
CA GLY A 153 -0.64 30.31 -19.85
C GLY A 153 -1.39 30.42 -18.54
N TYR A 154 -0.69 30.43 -17.40
CA TYR A 154 -1.35 30.40 -16.06
C TYR A 154 -2.04 31.72 -15.64
N ALA A 155 -1.45 32.86 -15.96
CA ALA A 155 -2.11 34.16 -15.78
C ALA A 155 -3.46 34.18 -16.50
N THR A 156 -3.46 33.74 -17.76
CA THR A 156 -4.70 33.59 -18.50
C THR A 156 -5.69 32.63 -17.80
N MET A 157 -5.26 31.44 -17.31
CA MET A 157 -6.21 30.59 -16.52
C MET A 157 -6.80 31.28 -15.35
N VAL A 158 -5.94 31.93 -14.53
CA VAL A 158 -6.41 32.71 -13.34
C VAL A 158 -7.43 33.80 -13.66
N ASN A 159 -7.16 34.58 -14.71
CA ASN A 159 -7.99 35.69 -15.16
C ASN A 159 -9.32 35.16 -15.68
N THR A 160 -9.24 34.01 -16.37
CA THR A 160 -10.40 33.28 -16.82
C THR A 160 -11.32 32.81 -15.66
N PHE A 161 -10.78 32.07 -14.70
CA PHE A 161 -11.49 31.71 -13.48
C PHE A 161 -12.17 32.95 -12.87
N ARG A 162 -11.47 34.07 -12.82
CA ARG A 162 -12.04 35.24 -12.13
C ARG A 162 -13.21 35.81 -12.84
N GLN A 163 -13.07 36.00 -14.15
CA GLN A 163 -14.26 36.27 -14.98
C GLN A 163 -15.45 35.30 -14.63
N TYR A 164 -15.19 34.01 -14.39
CA TYR A 164 -16.29 33.06 -14.11
C TYR A 164 -16.85 33.27 -12.74
N PHE A 165 -15.96 33.48 -11.77
CA PHE A 165 -16.34 33.77 -10.37
C PHE A 165 -17.30 34.93 -10.31
N ASN A 166 -17.08 35.94 -11.16
CA ASN A 166 -17.86 37.18 -11.14
C ASN A 166 -19.27 36.96 -11.63
N GLN A 167 -19.46 35.91 -12.45
CA GLN A 167 -20.79 35.57 -12.90
C GLN A 167 -21.59 34.92 -11.79
N VAL A 168 -21.00 34.73 -10.62
CA VAL A 168 -21.64 34.06 -9.50
C VAL A 168 -21.41 34.87 -8.24
N PRO A 169 -22.07 36.03 -8.14
CA PRO A 169 -21.79 37.09 -7.18
C PRO A 169 -22.12 36.76 -5.71
N GLU A 170 -23.13 35.91 -5.50
CA GLU A 170 -23.56 35.49 -4.16
C GLU A 170 -22.55 34.59 -3.41
N ARG A 171 -21.53 34.05 -4.08
CA ARG A 171 -20.53 33.26 -3.35
C ARG A 171 -19.10 33.74 -3.69
N LYS A 172 -18.26 33.85 -2.67
CA LYS A 172 -16.86 34.16 -2.84
C LYS A 172 -16.08 32.83 -3.10
N PHE A 173 -15.38 32.79 -4.24
CA PHE A 173 -14.44 31.73 -4.65
C PHE A 173 -13.00 32.25 -4.58
N TYR A 174 -12.03 31.34 -4.64
CA TYR A 174 -10.63 31.64 -4.26
C TYR A 174 -9.60 31.09 -5.23
N LEU A 175 -8.52 31.83 -5.46
CA LEU A 175 -7.42 31.37 -6.28
C LEU A 175 -6.11 31.46 -5.54
N SER A 176 -5.28 30.41 -5.59
CA SER A 176 -4.03 30.41 -4.86
C SER A 176 -2.90 29.88 -5.68
N ALA A 177 -1.66 30.11 -5.24
CA ALA A 177 -0.45 29.65 -5.96
C ALA A 177 0.55 29.16 -4.97
N ALA A 178 1.27 28.10 -5.35
CA ALA A 178 2.32 27.48 -4.57
C ALA A 178 3.72 27.56 -5.18
N PRO A 179 4.32 28.78 -5.30
CA PRO A 179 5.66 28.78 -5.93
C PRO A 179 6.75 28.34 -4.98
N GLN A 180 7.93 28.07 -5.52
CA GLN A 180 9.13 27.78 -4.79
C GLN A 180 9.86 29.06 -4.47
N CYS A 181 10.94 28.97 -3.71
CA CYS A 181 11.73 30.13 -3.33
C CYS A 181 12.37 30.78 -4.55
N ILE A 182 13.39 30.12 -5.09
CA ILE A 182 14.10 30.63 -6.25
C ILE A 182 13.22 31.54 -7.11
N ILE A 183 13.43 32.84 -6.98
CA ILE A 183 12.67 33.82 -7.75
C ILE A 183 13.59 34.67 -8.61
N PRO A 184 13.08 35.17 -9.72
CA PRO A 184 11.67 34.92 -10.12
C PRO A 184 11.34 33.43 -10.05
N ASP A 185 10.09 33.06 -9.83
CA ASP A 185 9.73 31.65 -9.94
C ASP A 185 9.37 31.41 -11.39
N ALA A 186 10.14 30.52 -12.04
CA ALA A 186 9.98 30.13 -13.45
C ALA A 186 8.53 29.77 -13.84
N GLN A 187 7.79 29.14 -12.93
CA GLN A 187 6.43 28.68 -13.25
C GLN A 187 5.35 29.75 -12.97
N LEU A 188 5.54 30.53 -11.92
CA LEU A 188 4.42 31.30 -11.37
C LEU A 188 4.59 32.80 -11.20
N SER A 189 5.79 33.33 -11.41
CA SER A 189 6.01 34.80 -11.27
C SER A 189 5.11 35.62 -12.19
N ASP A 190 4.96 35.14 -13.41
CA ASP A 190 4.14 35.85 -14.36
C ASP A 190 2.69 35.84 -13.89
N ALA A 191 2.15 34.66 -13.58
CA ALA A 191 0.78 34.57 -13.01
C ALA A 191 0.61 35.50 -11.81
N ILE A 192 1.62 35.53 -10.92
CA ILE A 192 1.51 36.32 -9.71
C ILE A 192 1.53 37.83 -10.05
N PHE A 193 2.43 38.23 -10.97
CA PHE A 193 2.49 39.59 -11.34
C PHE A 193 1.25 40.09 -12.10
N ASN A 194 0.73 39.23 -12.95
CA ASN A 194 -0.30 39.67 -13.91
C ASN A 194 -1.72 39.20 -13.63
N ALA A 195 -1.94 38.42 -12.57
CA ALA A 195 -3.28 38.03 -12.15
C ALA A 195 -3.38 38.12 -10.62
N ALA A 196 -4.60 38.31 -10.10
CA ALA A 196 -4.88 38.37 -8.66
C ALA A 196 -5.14 36.97 -8.02
N PHE A 197 -4.19 36.48 -7.22
CA PHE A 197 -4.42 35.34 -6.34
C PHE A 197 -4.94 35.85 -4.99
N ASP A 198 -5.76 35.06 -4.30
CA ASP A 198 -6.15 35.32 -2.92
C ASP A 198 -5.05 34.89 -1.97
N PHE A 199 -4.39 33.77 -2.22
CA PHE A 199 -3.42 33.20 -1.28
C PHE A 199 -2.20 32.76 -2.08
N ILE A 200 -1.02 32.93 -1.50
CA ILE A 200 0.20 32.43 -2.09
C ILE A 200 0.98 31.82 -0.97
N TRP A 201 1.24 30.53 -1.07
CA TRP A 201 2.03 29.82 -0.12
C TRP A 201 3.34 29.50 -0.80
N ILE A 202 4.42 30.14 -0.34
CA ILE A 202 5.74 29.89 -0.91
C ILE A 202 6.22 28.61 -0.33
N GLN A 203 6.64 27.67 -1.14
CA GLN A 203 7.20 26.44 -0.60
C GLN A 203 8.61 26.76 -0.12
N TYR A 204 8.83 26.74 1.20
CA TYR A 204 10.16 27.03 1.79
C TYR A 204 10.96 25.79 2.16
N TYR A 205 10.88 24.76 1.32
CA TYR A 205 11.61 23.47 1.45
C TYR A 205 11.98 23.01 0.07
N ASN A 206 12.99 22.13 0.02
CA ASN A 206 13.53 21.53 -1.21
C ASN A 206 14.46 22.40 -2.06
N THR A 207 14.55 23.70 -1.75
CA THR A 207 15.55 24.56 -2.39
C THR A 207 16.50 25.18 -1.38
N ALA A 208 17.78 24.85 -1.48
CA ALA A 208 18.70 25.28 -0.42
C ALA A 208 18.89 26.81 -0.31
N ALA A 209 18.85 27.54 -1.44
CA ALA A 209 19.20 28.99 -1.50
C ALA A 209 18.36 29.94 -0.69
N CYS A 210 17.09 29.56 -0.43
CA CYS A 210 16.16 30.45 0.26
C CYS A 210 15.13 29.77 1.23
N SER A 211 15.50 28.62 1.79
CA SER A 211 14.60 27.74 2.53
C SER A 211 14.22 28.38 3.85
N ALA A 212 13.16 27.89 4.51
CA ALA A 212 12.85 28.32 5.92
C ALA A 212 13.96 27.95 6.91
N LYS A 213 14.60 26.79 6.74
CA LYS A 213 15.70 26.39 7.58
C LYS A 213 16.88 27.38 7.47
N SER A 214 17.09 27.98 6.30
CA SER A 214 18.15 29.02 6.15
C SER A 214 17.86 30.21 7.02
N PHE A 215 16.64 30.26 7.56
CA PHE A 215 16.30 31.28 8.55
C PHE A 215 16.94 30.96 9.90
N ILE A 216 17.04 29.69 10.18
CA ILE A 216 17.51 29.25 11.46
C ILE A 216 19.02 29.21 11.36
N ASP A 217 19.53 28.57 10.32
CA ASP A 217 20.94 28.59 10.00
C ASP A 217 21.19 29.48 8.78
N THR A 218 21.68 30.69 9.02
CA THR A 218 21.89 31.64 7.93
C THR A 218 23.09 31.36 7.04
N SER A 219 23.73 30.21 7.15
CA SER A 219 24.84 29.89 6.28
C SER A 219 24.44 28.91 5.17
N LEU A 220 23.21 28.40 5.28
CA LEU A 220 22.60 27.45 4.33
C LEU A 220 22.06 28.08 3.07
N GLY A 221 21.75 29.35 3.14
CA GLY A 221 21.03 30.09 2.08
C GLY A 221 20.47 31.31 2.77
N THR A 222 19.63 32.09 2.08
CA THR A 222 19.10 33.36 2.64
C THR A 222 17.58 33.41 2.56
N PHE A 223 16.89 33.42 3.70
CA PHE A 223 15.44 33.29 3.71
C PHE A 223 14.89 34.59 3.19
N ASN A 224 14.02 34.54 2.17
CA ASN A 224 13.76 35.73 1.34
C ASN A 224 12.34 36.25 1.36
N PHE A 225 11.69 36.15 2.51
CA PHE A 225 10.26 36.44 2.55
C PHE A 225 10.08 37.96 2.31
N ASP A 226 11.04 38.75 2.80
CA ASP A 226 11.09 40.19 2.52
C ASP A 226 11.03 40.55 1.06
N ALA A 227 11.79 39.86 0.23
CA ALA A 227 11.78 40.17 -1.22
C ALA A 227 10.40 39.83 -1.79
N TRP A 228 9.85 38.70 -1.35
CA TRP A 228 8.56 38.28 -1.81
C TRP A 228 7.50 39.32 -1.42
N VAL A 229 7.57 39.92 -0.24
CA VAL A 229 6.58 40.98 0.07
C VAL A 229 6.69 42.14 -0.94
N THR A 230 7.92 42.53 -1.28
CA THR A 230 8.15 43.64 -2.22
C THR A 230 7.58 43.34 -3.59
N VAL A 231 7.85 42.14 -4.09
CA VAL A 231 7.28 41.71 -5.36
C VAL A 231 5.72 41.75 -5.34
N LEU A 232 5.11 41.17 -4.31
CA LEU A 232 3.67 41.10 -4.19
C LEU A 232 2.98 42.49 -4.24
N LYS A 233 3.60 43.47 -3.57
CA LYS A 233 3.03 44.83 -3.46
C LYS A 233 3.08 45.63 -4.77
N ALA A 234 3.82 45.14 -5.75
CA ALA A 234 3.74 45.73 -7.10
C ALA A 234 2.95 44.85 -8.07
N SER A 235 2.45 43.72 -7.61
CA SER A 235 1.82 42.75 -8.51
C SER A 235 0.30 43.00 -8.59
N ALA A 236 -0.35 42.38 -9.55
CA ALA A 236 -1.83 42.26 -9.51
C ALA A 236 -2.28 41.42 -8.29
N SER A 237 -1.34 40.70 -7.66
CA SER A 237 -1.59 39.97 -6.45
C SER A 237 -1.29 40.76 -5.16
N LYS A 238 -1.28 42.08 -5.25
CA LYS A 238 -0.99 42.92 -4.08
C LYS A 238 -1.93 42.71 -2.89
N ASP A 239 -3.17 42.27 -3.15
CA ASP A 239 -4.06 41.96 -2.02
C ASP A 239 -3.95 40.53 -1.52
N ALA A 240 -2.95 39.77 -1.97
CA ALA A 240 -2.88 38.34 -1.59
C ALA A 240 -2.37 38.25 -0.19
N LYS A 241 -2.76 37.21 0.52
CA LYS A 241 -2.11 36.89 1.80
C LYS A 241 -1.00 35.92 1.49
N LEU A 242 0.16 36.08 2.16
CA LEU A 242 1.37 35.33 1.82
C LEU A 242 1.71 34.44 3.01
N TYR A 243 1.85 33.13 2.71
CA TYR A 243 1.95 32.10 3.71
C TYR A 243 3.33 31.51 3.56
N VAL A 244 3.83 30.95 4.65
CA VAL A 244 5.12 30.22 4.65
C VAL A 244 4.81 28.73 4.53
N GLY A 245 5.19 28.12 3.39
CA GLY A 245 4.99 26.69 3.22
C GLY A 245 6.08 25.79 3.80
N LEU A 246 5.69 24.83 4.67
CA LEU A 246 6.65 24.00 5.43
C LEU A 246 6.36 22.51 5.30
N PRO A 247 7.40 21.66 5.43
CA PRO A 247 7.13 20.23 5.50
C PRO A 247 6.55 19.86 6.89
N ALA A 248 5.55 18.97 6.90
CA ALA A 248 4.86 18.68 8.17
C ALA A 248 5.57 17.58 8.94
N SER A 249 6.68 17.07 8.41
CA SER A 249 7.53 16.12 9.15
C SER A 249 8.91 15.98 8.47
N GLU A 250 9.78 15.19 9.09
CA GLU A 250 11.16 15.05 8.61
C GLU A 250 11.19 14.56 7.18
N THR A 251 10.33 13.60 6.85
CA THR A 251 10.43 12.94 5.55
C THR A 251 9.41 13.42 4.48
N ALA A 252 8.64 14.46 4.78
CA ALA A 252 7.67 15.07 3.85
C ALA A 252 8.35 15.77 2.68
N ALA A 253 9.61 16.12 2.86
CA ALA A 253 10.48 16.76 1.85
C ALA A 253 11.89 16.21 2.04
N ASN A 254 12.84 16.61 1.20
CA ASN A 254 14.26 16.21 1.35
C ASN A 254 14.81 16.58 2.73
N GLN A 255 15.82 15.82 3.21
CA GLN A 255 16.49 16.00 4.52
C GLN A 255 16.87 17.45 4.76
N GLY A 256 16.68 17.93 6.00
CA GLY A 256 17.14 19.25 6.44
C GLY A 256 16.20 20.44 6.25
N TYR A 257 14.99 20.21 5.76
CA TYR A 257 14.07 21.31 5.48
C TYR A 257 12.94 21.39 6.52
N TYR A 258 12.62 20.27 7.16
CA TYR A 258 11.70 20.25 8.33
C TYR A 258 12.18 21.12 9.53
N LEU A 259 11.32 22.01 10.03
CA LEU A 259 11.63 22.81 11.24
C LEU A 259 10.82 22.31 12.43
N THR A 260 11.46 22.26 13.60
CA THR A 260 10.79 21.89 14.81
C THR A 260 9.78 23.00 15.17
N PRO A 261 8.73 22.68 15.96
CA PRO A 261 7.84 23.78 16.36
C PRO A 261 8.59 25.00 16.95
N ASP A 262 9.73 24.80 17.58
CA ASP A 262 10.46 25.97 18.17
C ASP A 262 11.00 26.88 17.09
N GLU A 263 11.62 26.29 16.08
CA GLU A 263 12.15 27.03 14.90
C GLU A 263 11.01 27.70 14.18
N VAL A 264 9.92 26.96 13.96
CA VAL A 264 8.74 27.56 13.36
C VAL A 264 8.26 28.78 14.13
N GLU A 265 8.17 28.68 15.46
CA GLU A 265 7.81 29.85 16.22
C GLU A 265 8.71 31.09 15.95
N SER A 266 10.02 30.89 15.84
CA SER A 266 10.92 32.05 15.63
C SER A 266 10.62 32.75 14.32
N LEU A 267 10.56 31.97 13.26
CA LEU A 267 10.30 32.45 11.90
C LEU A 267 8.99 33.22 11.89
N VAL A 268 7.92 32.55 12.34
CA VAL A 268 6.56 33.05 12.17
C VAL A 268 6.30 34.32 13.00
N SER A 269 6.92 34.37 14.16
CA SER A 269 6.69 35.46 15.06
C SER A 269 7.32 36.75 14.48
N THR A 270 8.49 36.62 13.87
CA THR A 270 9.18 37.72 13.16
C THR A 270 8.33 38.17 11.99
N TYR A 271 7.95 37.24 11.13
CA TYR A 271 7.25 37.63 9.91
C TYR A 271 5.84 38.12 10.08
N MET A 272 5.15 37.64 11.11
CA MET A 272 3.80 38.14 11.42
C MET A 272 3.82 39.54 12.04
N ASP A 273 4.85 39.80 12.84
CA ASP A 273 5.09 41.11 13.43
C ASP A 273 5.52 42.11 12.37
N ARG A 274 6.42 41.68 11.49
CA ARG A 274 6.97 42.53 10.45
C ARG A 274 5.89 42.85 9.41
N TYR A 275 5.02 41.89 9.10
CA TYR A 275 4.08 42.11 7.99
C TYR A 275 2.67 41.77 8.35
N PRO A 276 2.06 42.52 9.32
CA PRO A 276 0.77 42.11 9.86
C PRO A 276 -0.38 42.09 8.86
N ASP A 277 -0.34 42.88 7.79
CA ASP A 277 -1.46 42.91 6.84
C ASP A 277 -1.17 42.02 5.60
N THR A 278 0.01 41.43 5.53
CA THR A 278 0.37 40.62 4.37
C THR A 278 0.54 39.15 4.78
N PHE A 279 1.20 38.90 5.90
CA PHE A 279 1.42 37.55 6.34
C PHE A 279 0.10 36.83 6.56
N GLY A 280 -0.04 35.59 6.04
CA GLY A 280 -1.33 34.86 6.01
C GLY A 280 -1.36 33.70 7.01
N GLY A 281 -0.21 33.10 7.25
CA GLY A 281 -0.15 31.90 8.08
C GLY A 281 0.84 30.91 7.53
N ILE A 282 0.54 29.64 7.76
CA ILE A 282 1.39 28.50 7.42
C ILE A 282 0.63 27.60 6.44
N MET A 283 1.34 27.14 5.39
CA MET A 283 0.91 26.04 4.59
C MET A 283 1.79 24.85 4.94
N LEU A 284 1.20 23.68 4.90
CA LEU A 284 1.89 22.44 5.25
C LEU A 284 1.82 21.40 4.14
N TRP A 285 2.99 20.87 3.82
CA TRP A 285 3.09 19.72 2.91
C TRP A 285 3.52 18.58 3.82
N GLU A 286 2.64 17.61 4.14
CA GLU A 286 1.22 17.53 3.76
C GLU A 286 0.44 16.73 4.83
N ALA A 287 -0.86 16.47 4.60
CA ALA A 287 -1.78 15.98 5.66
C ALA A 287 -1.31 14.70 6.35
N THR A 288 -0.80 13.75 5.57
CA THR A 288 -0.44 12.44 6.09
C THR A 288 0.88 12.55 6.84
N ALA A 289 1.82 13.35 6.32
CA ALA A 289 3.07 13.62 7.05
C ALA A 289 2.79 14.31 8.40
N SER A 290 1.79 15.18 8.43
CA SER A 290 1.37 15.83 9.66
C SER A 290 0.66 14.86 10.67
N GLU A 291 -0.27 14.05 10.17
CA GLU A 291 -0.91 12.98 10.94
C GLU A 291 0.08 11.99 11.55
N ASN A 292 1.12 11.63 10.80
CA ASN A 292 2.10 10.69 11.30
C ASN A 292 3.17 11.29 12.23
N ASN A 293 3.24 12.62 12.30
CA ASN A 293 4.25 13.26 13.10
C ASN A 293 3.52 13.78 14.34
N GLN A 294 3.31 12.88 15.26
CA GLN A 294 2.54 13.17 16.47
C GLN A 294 3.53 13.64 17.52
N ILE A 295 3.33 14.85 18.06
CA ILE A 295 4.21 15.40 19.12
C ILE A 295 3.34 15.61 20.34
N ASP A 296 3.61 14.87 21.42
CA ASP A 296 2.85 14.95 22.71
C ASP A 296 1.34 14.71 22.45
N GLY A 297 1.01 13.64 21.71
CA GLY A 297 -0.43 13.34 21.44
C GLY A 297 -1.22 14.15 20.39
N ALA A 298 -0.58 15.11 19.71
CA ALA A 298 -1.26 15.91 18.68
C ALA A 298 -0.42 16.03 17.38
N PRO A 299 -1.09 16.01 16.19
CA PRO A 299 -0.36 16.07 14.92
C PRO A 299 0.32 17.41 14.74
N TYR A 300 1.31 17.44 13.88
CA TYR A 300 2.13 18.62 13.66
C TYR A 300 1.32 19.89 13.38
N ALA A 301 0.28 19.75 12.57
CA ALA A 301 -0.57 20.88 12.18
C ALA A 301 -1.32 21.49 13.35
N ASP A 302 -1.59 20.71 14.42
CA ASP A 302 -2.27 21.25 15.59
C ASP A 302 -1.31 22.14 16.30
N HIS A 303 -0.03 21.72 16.29
CA HIS A 303 0.97 22.54 16.90
C HIS A 303 1.22 23.80 16.09
N MET A 304 1.07 23.73 14.76
CA MET A 304 1.28 24.93 13.92
C MET A 304 0.24 26.02 14.23
N LYS A 305 -1.02 25.61 14.35
CA LYS A 305 -2.11 26.46 14.73
C LYS A 305 -1.88 27.14 16.09
N ASP A 306 -1.33 26.40 17.05
CA ASP A 306 -1.12 26.89 18.40
C ASP A 306 -0.08 28.00 18.33
N ILE A 307 0.96 27.75 17.53
CA ILE A 307 1.98 28.75 17.26
C ILE A 307 1.40 30.03 16.65
N LEU A 308 0.46 29.87 15.72
CA LEU A 308 -0.11 31.01 15.00
C LEU A 308 -1.05 31.84 15.88
N LEU A 309 -1.74 31.15 16.80
CA LEU A 309 -2.67 31.74 17.76
C LEU A 309 -1.99 32.46 18.89
N HIS A 310 -0.72 32.20 19.13
CA HIS A 310 0.02 32.89 20.19
C HIS A 310 1.06 33.86 19.66
N PHE B 1 -26.10 -42.35 -3.50
CA PHE B 1 -27.44 -41.97 -2.99
C PHE B 1 -27.48 -41.03 -1.73
N SER B 2 -26.76 -41.39 -0.64
CA SER B 2 -27.00 -40.86 0.76
C SER B 2 -26.57 -39.41 1.14
N ASN B 3 -27.58 -38.68 1.62
CA ASN B 3 -27.56 -37.21 1.61
C ASN B 3 -27.24 -36.62 2.95
N LEU B 4 -26.84 -35.36 2.93
CA LEU B 4 -26.42 -34.68 4.14
C LEU B 4 -27.18 -33.37 4.18
N ALA B 5 -27.96 -33.20 5.25
CA ALA B 5 -28.70 -31.97 5.49
C ALA B 5 -28.07 -31.31 6.69
N ILE B 6 -28.19 -29.99 6.83
CA ILE B 6 -27.65 -29.25 7.99
C ILE B 6 -28.48 -27.98 8.23
N TYR B 7 -28.59 -27.55 9.47
CA TYR B 7 -29.34 -26.34 9.79
C TYR B 7 -28.35 -25.19 9.80
N TRP B 8 -28.81 -24.02 9.33
CA TRP B 8 -28.00 -22.83 9.45
C TRP B 8 -29.01 -21.76 9.90
N GLY B 9 -28.49 -20.70 10.54
CA GLY B 9 -29.30 -19.53 10.81
C GLY B 9 -29.24 -19.13 12.26
N GLN B 10 -28.89 -20.11 13.11
CA GLN B 10 -28.91 -19.95 14.54
C GLN B 10 -27.56 -20.21 15.19
N GLY B 11 -26.47 -20.11 14.41
CA GLY B 11 -25.10 -20.35 14.99
C GLY B 11 -24.53 -19.08 15.63
N PRO B 12 -23.83 -19.19 16.79
CA PRO B 12 -23.30 -17.99 17.45
C PRO B 12 -22.16 -17.47 16.62
N ASN B 13 -22.15 -16.14 16.35
CA ASN B 13 -21.23 -15.55 15.40
C ASN B 13 -21.10 -16.33 14.05
N GLN B 14 -22.19 -16.85 13.49
CA GLN B 14 -22.04 -17.64 12.26
C GLN B 14 -21.46 -16.85 11.12
N LEU B 15 -20.70 -17.55 10.28
CA LEU B 15 -20.37 -17.11 8.93
C LEU B 15 -21.65 -17.09 8.10
N ARG B 16 -21.64 -16.20 7.11
CA ARG B 16 -22.78 -16.05 6.22
C ARG B 16 -23.07 -17.33 5.45
N LEU B 17 -24.30 -17.44 4.94
CA LEU B 17 -24.75 -18.65 4.27
C LEU B 17 -23.84 -19.07 3.11
N SER B 18 -23.36 -18.09 2.33
CA SER B 18 -22.49 -18.42 1.16
C SER B 18 -21.26 -19.23 1.53
N HIS B 19 -20.80 -19.13 2.77
CA HIS B 19 -19.65 -19.95 3.18
C HIS B 19 -20.00 -21.46 3.13
N PHE B 20 -21.23 -21.80 3.56
CA PHE B 20 -21.75 -23.17 3.53
C PHE B 20 -22.24 -23.56 2.14
N CYS B 21 -22.63 -22.58 1.32
CA CYS B 21 -22.92 -22.83 -0.11
C CYS B 21 -21.71 -23.37 -0.85
N GLN B 22 -20.52 -23.04 -0.33
CA GLN B 22 -19.26 -23.57 -0.93
C GLN B 22 -18.79 -24.89 -0.33
N GLU B 23 -19.52 -25.44 0.65
CA GLU B 23 -19.05 -26.72 1.25
C GLU B 23 -19.77 -27.80 0.43
N THR B 24 -18.96 -28.44 -0.43
CA THR B 24 -19.34 -29.49 -1.34
C THR B 24 -20.13 -30.67 -0.73
N SER B 25 -19.84 -31.00 0.51
CA SER B 25 -20.41 -32.14 1.16
C SER B 25 -21.90 -31.94 1.47
N LEU B 26 -22.38 -30.70 1.53
CA LEU B 26 -23.76 -30.45 1.91
C LEU B 26 -24.79 -30.58 0.78
N ASP B 27 -25.87 -31.29 1.04
CA ASP B 27 -26.89 -31.49 0.04
C ASP B 27 -28.13 -30.65 0.34
N ILE B 28 -28.42 -30.43 1.63
CA ILE B 28 -29.65 -29.71 1.97
C ILE B 28 -29.29 -28.81 3.12
N ILE B 29 -29.70 -27.54 3.01
CA ILE B 29 -29.55 -26.60 4.08
C ILE B 29 -30.93 -26.06 4.51
N ASN B 30 -31.21 -26.22 5.81
CA ASN B 30 -32.46 -25.78 6.40
C ASN B 30 -32.23 -24.50 7.13
N ILE B 31 -33.02 -23.49 6.78
CA ILE B 31 -32.72 -22.17 7.34
C ILE B 31 -33.65 -21.81 8.51
N GLY B 32 -33.10 -21.69 9.71
CA GLY B 32 -33.96 -21.50 10.87
C GLY B 32 -33.88 -20.09 11.43
N PHE B 33 -35.01 -19.43 11.69
CA PHE B 33 -36.38 -20.02 11.71
C PHE B 33 -37.44 -18.94 11.55
N ILE B 34 -38.55 -19.32 10.94
CA ILE B 34 -39.85 -18.67 11.15
C ILE B 34 -40.35 -19.12 12.57
N ASN B 35 -40.03 -18.35 13.62
CA ASN B 35 -40.28 -18.79 14.98
C ASN B 35 -41.46 -18.13 15.69
N TYR B 36 -42.12 -17.18 15.02
CA TYR B 36 -43.38 -16.55 15.50
C TYR B 36 -44.54 -16.96 14.59
N PHE B 37 -45.62 -17.43 15.18
CA PHE B 37 -46.68 -17.99 14.36
C PHE B 37 -47.79 -16.93 14.34
N PRO B 38 -48.58 -16.86 13.25
CA PRO B 38 -49.60 -15.81 13.02
C PRO B 38 -50.61 -15.55 14.16
N ASP B 39 -51.09 -16.62 14.81
CA ASP B 39 -52.18 -16.48 15.81
C ASP B 39 -51.74 -15.79 17.09
N MET B 40 -50.45 -15.83 17.41
CA MET B 40 -49.93 -15.04 18.53
C MET B 40 -48.91 -13.92 18.17
N SER B 41 -48.93 -13.42 16.95
CA SER B 41 -48.00 -12.37 16.60
C SER B 41 -48.69 -11.15 15.98
N PRO B 42 -48.06 -9.95 16.06
CA PRO B 42 -48.71 -8.72 15.57
C PRO B 42 -49.14 -8.80 14.13
N GLY B 43 -50.41 -8.50 13.88
CA GLY B 43 -50.96 -8.44 12.53
C GLY B 43 -51.36 -9.78 11.96
N HIS B 44 -51.34 -10.83 12.78
CA HIS B 44 -51.43 -12.21 12.23
C HIS B 44 -50.43 -12.50 11.07
N TRP B 45 -49.22 -11.91 11.18
CA TRP B 45 -48.09 -12.23 10.29
C TRP B 45 -47.15 -13.15 11.10
N PRO B 46 -46.57 -14.19 10.49
CA PRO B 46 -45.52 -14.91 11.25
C PRO B 46 -44.27 -14.03 11.43
N GLY B 47 -43.34 -14.43 12.28
CA GLY B 47 -42.14 -13.58 12.51
C GLY B 47 -40.92 -14.44 12.28
N SER B 48 -39.72 -13.87 12.33
CA SER B 48 -38.56 -14.63 11.93
C SER B 48 -37.35 -14.27 12.75
N ASN B 49 -36.44 -15.22 12.87
CA ASN B 49 -35.14 -14.94 13.50
C ASN B 49 -34.05 -15.69 12.77
N PHE B 50 -33.01 -14.98 12.41
CA PHE B 50 -31.86 -15.64 11.80
C PHE B 50 -30.56 -15.19 12.43
N GLY B 51 -30.48 -15.13 13.76
CA GLY B 51 -29.23 -14.70 14.47
C GLY B 51 -28.61 -13.41 13.91
N ASN B 52 -27.28 -13.36 13.79
CA ASN B 52 -26.57 -12.17 13.24
C ASN B 52 -26.81 -11.85 11.76
N GLN B 53 -27.54 -12.66 11.03
CA GLN B 53 -27.79 -12.29 9.63
C GLN B 53 -28.64 -11.16 9.02
N CYS B 54 -29.58 -10.55 9.70
CA CYS B 54 -30.46 -9.61 8.92
C CYS B 54 -30.51 -8.07 8.96
N ASP B 55 -29.93 -7.50 10.03
CA ASP B 55 -30.00 -6.05 10.31
C ASP B 55 -30.98 -5.72 11.49
N GLY B 56 -32.06 -6.49 11.65
CA GLY B 56 -33.01 -6.19 12.73
C GLY B 56 -34.28 -5.37 12.41
N SER B 57 -34.30 -4.65 11.27
CA SER B 57 -35.52 -4.11 10.67
C SER B 57 -36.62 -5.18 10.53
N VAL B 58 -37.87 -4.77 10.77
CA VAL B 58 -39.01 -5.64 10.67
C VAL B 58 -40.06 -4.96 9.81
N TYR B 59 -40.90 -5.74 9.15
CA TYR B 59 -41.98 -5.16 8.36
C TYR B 59 -42.97 -4.49 9.26
N VAL B 60 -43.54 -3.39 8.75
CA VAL B 60 -44.74 -2.76 9.28
C VAL B 60 -45.87 -2.97 8.23
N THR B 61 -47.05 -3.45 8.64
CA THR B 61 -48.16 -3.67 7.68
C THR B 61 -48.72 -2.34 7.16
N ASN B 62 -49.57 -2.44 6.13
CA ASN B 62 -50.24 -1.27 5.52
C ASN B 62 -50.96 -0.50 6.59
N ASP B 63 -51.19 -1.17 7.70
CA ASP B 63 -52.02 -0.66 8.76
C ASP B 63 -51.22 -0.04 9.84
N GLY B 64 -49.92 0.04 9.66
CA GLY B 64 -49.04 0.54 10.69
C GLY B 64 -48.76 -0.43 11.83
N VAL B 65 -49.15 -1.71 11.72
CA VAL B 65 -48.83 -2.69 12.79
C VAL B 65 -47.37 -3.20 12.65
N VAL B 66 -46.55 -2.97 13.69
CA VAL B 66 -45.14 -3.38 13.70
C VAL B 66 -45.10 -4.91 13.89
N THR B 67 -44.60 -5.63 12.88
CA THR B 67 -44.59 -7.10 12.95
C THR B 67 -43.29 -7.61 13.58
N LYS B 68 -43.15 -8.94 13.65
CA LYS B 68 -41.88 -9.60 14.09
C LYS B 68 -41.18 -10.28 12.88
N LEU B 69 -41.64 -9.99 11.66
CA LEU B 69 -41.00 -10.46 10.43
C LEU B 69 -39.89 -9.52 9.90
N LEU B 70 -38.66 -10.04 9.89
CA LEU B 70 -37.44 -9.29 9.52
C LEU B 70 -37.50 -8.95 8.04
N SER B 71 -37.25 -7.68 7.73
CA SER B 71 -37.25 -7.23 6.36
C SER B 71 -35.86 -6.86 5.83
N GLY B 72 -34.82 -7.05 6.64
CA GLY B 72 -33.47 -6.64 6.22
C GLY B 72 -32.47 -7.79 6.17
N CYS B 73 -32.78 -8.83 5.39
CA CYS B 73 -31.92 -9.99 5.39
C CYS B 73 -31.17 -10.05 4.08
N HIS B 74 -30.52 -8.94 3.72
CA HIS B 74 -29.79 -8.86 2.42
C HIS B 74 -28.83 -10.01 2.12
N GLN B 75 -27.98 -10.43 3.08
CA GLN B 75 -27.01 -11.53 2.83
C GLN B 75 -27.61 -12.91 2.54
N ILE B 76 -28.72 -13.21 3.17
CA ILE B 76 -29.44 -14.46 2.95
C ILE B 76 -30.06 -14.44 1.54
N MET B 77 -30.73 -13.34 1.21
CA MET B 77 -31.26 -13.13 -0.13
C MET B 77 -30.16 -13.29 -1.21
N GLU B 78 -29.01 -12.63 -1.02
CA GLU B 78 -27.84 -12.82 -1.92
C GLU B 78 -27.39 -14.27 -1.96
N ASP B 79 -27.41 -14.94 -0.79
CA ASP B 79 -26.70 -16.19 -0.62
C ASP B 79 -27.48 -17.43 -1.00
N ILE B 80 -28.79 -17.47 -0.76
CA ILE B 80 -29.58 -18.68 -1.07
C ILE B 80 -29.40 -19.18 -2.53
N PRO B 81 -29.43 -18.28 -3.56
CA PRO B 81 -29.28 -18.77 -4.97
C PRO B 81 -27.91 -19.34 -5.32
N ILE B 82 -26.89 -18.94 -4.56
CA ILE B 82 -25.57 -19.52 -4.61
C ILE B 82 -25.59 -21.00 -4.20
N CYS B 83 -26.30 -21.28 -3.10
CA CYS B 83 -26.46 -22.66 -2.63
C CYS B 83 -27.23 -23.46 -3.67
N GLN B 84 -28.27 -22.87 -4.24
CA GLN B 84 -29.08 -23.52 -5.23
C GLN B 84 -28.33 -23.76 -6.55
N ALA B 85 -27.45 -22.85 -6.95
CA ALA B 85 -26.69 -23.03 -8.18
C ALA B 85 -25.56 -24.00 -7.93
N ALA B 86 -25.30 -24.35 -6.64
CA ALA B 86 -24.41 -25.47 -6.31
C ALA B 86 -25.23 -26.77 -6.16
N GLY B 87 -26.50 -26.74 -6.56
CA GLY B 87 -27.31 -27.96 -6.55
C GLY B 87 -27.85 -28.37 -5.18
N LYS B 88 -27.48 -27.64 -4.14
CA LYS B 88 -28.13 -27.80 -2.82
C LYS B 88 -29.57 -27.35 -2.81
N LYS B 89 -30.38 -28.09 -2.06
CA LYS B 89 -31.77 -27.70 -1.85
C LYS B 89 -31.79 -26.87 -0.61
N VAL B 90 -32.61 -25.82 -0.63
CA VAL B 90 -32.66 -24.90 0.51
C VAL B 90 -34.07 -24.74 1.05
N LEU B 91 -34.24 -25.07 2.33
CA LEU B 91 -35.56 -25.13 2.89
C LEU B 91 -35.63 -24.19 4.03
N LEU B 92 -36.79 -23.59 4.17
CA LEU B 92 -37.07 -22.62 5.20
C LEU B 92 -37.75 -23.34 6.33
N SER B 93 -37.20 -23.18 7.53
CA SER B 93 -37.63 -23.97 8.68
C SER B 93 -38.51 -23.16 9.59
N ILE B 94 -39.59 -23.81 10.04
CA ILE B 94 -40.64 -23.18 10.83
C ILE B 94 -40.50 -23.71 12.24
N GLY B 95 -40.35 -22.83 13.21
CA GLY B 95 -40.36 -23.29 14.58
C GLY B 95 -39.04 -23.04 15.26
N GLY B 96 -38.30 -24.13 15.54
CA GLY B 96 -37.12 -24.13 16.40
C GLY B 96 -37.45 -24.05 17.90
N ALA B 97 -36.43 -23.85 18.72
CA ALA B 97 -36.57 -23.95 20.18
C ALA B 97 -37.14 -22.72 20.86
N TYR B 98 -36.93 -21.54 20.29
CA TYR B 98 -37.32 -20.29 20.93
C TYR B 98 -38.07 -19.35 19.97
N PRO B 99 -39.22 -18.78 20.42
CA PRO B 99 -39.82 -18.98 21.72
C PRO B 99 -40.66 -20.28 21.86
N PRO B 100 -40.87 -20.75 23.12
CA PRO B 100 -41.60 -22.00 23.38
C PRO B 100 -43.15 -21.90 23.43
N ASP B 101 -43.73 -20.77 23.04
CA ASP B 101 -45.14 -20.53 23.23
C ASP B 101 -45.86 -20.28 21.91
N GLN B 102 -45.41 -20.90 20.82
CA GLN B 102 -46.08 -20.73 19.52
C GLN B 102 -46.81 -22.01 19.18
N SER B 103 -47.99 -21.87 18.57
CA SER B 103 -48.74 -23.01 18.02
C SER B 103 -49.77 -22.47 17.03
N ILE B 104 -50.63 -23.35 16.52
CA ILE B 104 -51.66 -22.98 15.56
C ILE B 104 -52.98 -23.23 16.24
N LEU B 105 -53.89 -22.28 16.12
CA LEU B 105 -55.14 -22.32 16.89
C LEU B 105 -56.35 -22.88 16.15
N SER B 106 -56.38 -22.74 14.81
CA SER B 106 -57.56 -23.19 14.06
C SER B 106 -57.16 -23.68 12.70
N GLU B 107 -58.09 -24.34 12.03
CA GLU B 107 -57.81 -24.83 10.71
C GLU B 107 -57.53 -23.67 9.72
N ASP B 108 -58.31 -22.59 9.81
CA ASP B 108 -58.22 -21.50 8.85
C ASP B 108 -56.86 -20.88 8.97
N SER B 109 -56.36 -20.73 10.21
CA SER B 109 -55.06 -20.09 10.40
C SER B 109 -53.85 -20.98 9.99
N ALA B 110 -54.08 -22.29 9.91
CA ALA B 110 -53.10 -23.27 9.42
C ALA B 110 -52.98 -23.07 7.93
N VAL B 111 -54.13 -22.93 7.24
CA VAL B 111 -54.18 -22.65 5.78
C VAL B 111 -53.57 -21.28 5.44
N ALA B 112 -53.89 -20.26 6.22
CA ALA B 112 -53.30 -18.92 6.04
C ALA B 112 -51.80 -18.89 6.38
N PHE B 113 -51.38 -19.59 7.41
CA PHE B 113 -49.95 -19.64 7.70
C PHE B 113 -49.20 -20.16 6.45
N ALA B 114 -49.55 -21.35 5.97
CA ALA B 114 -48.92 -21.92 4.76
C ALA B 114 -49.04 -20.96 3.58
N THR B 115 -50.22 -20.35 3.39
CA THR B 115 -50.44 -19.50 2.23
C THR B 115 -49.57 -18.24 2.31
N PHE B 116 -49.49 -17.67 3.51
CA PHE B 116 -48.52 -16.59 3.74
C PHE B 116 -47.10 -16.97 3.35
N LEU B 117 -46.66 -18.17 3.75
CA LEU B 117 -45.31 -18.59 3.49
C LEU B 117 -45.05 -18.82 2.01
N TRP B 118 -45.99 -19.48 1.36
CA TRP B 118 -45.86 -19.76 -0.05
C TRP B 118 -45.77 -18.38 -0.79
N GLY B 119 -46.55 -17.38 -0.35
CA GLY B 119 -46.50 -16.05 -1.01
C GLY B 119 -45.23 -15.21 -0.74
N ALA B 120 -44.81 -15.21 0.53
CA ALA B 120 -43.62 -14.50 0.93
C ALA B 120 -42.38 -15.13 0.35
N PHE B 121 -42.28 -16.46 0.39
CA PHE B 121 -41.00 -17.16 0.15
C PHE B 121 -40.99 -18.13 -1.05
N GLY B 122 -42.16 -18.40 -1.61
CA GLY B 122 -42.26 -19.26 -2.80
C GLY B 122 -42.14 -18.49 -4.11
N PRO B 123 -42.66 -19.07 -5.19
CA PRO B 123 -42.66 -18.35 -6.48
C PRO B 123 -43.29 -16.94 -6.39
N VAL B 124 -42.69 -15.97 -7.11
CA VAL B 124 -43.30 -14.61 -7.18
C VAL B 124 -44.64 -14.73 -7.93
N ALA B 125 -45.72 -14.20 -7.35
CA ALA B 125 -47.05 -14.27 -7.99
C ALA B 125 -47.63 -12.87 -8.20
N GLU B 126 -48.16 -12.61 -9.38
CA GLU B 126 -48.86 -11.35 -9.72
C GLU B 126 -49.79 -10.75 -8.64
N GLY B 127 -50.62 -11.54 -7.99
CA GLY B 127 -51.55 -10.93 -7.06
C GLY B 127 -51.18 -10.92 -5.59
N TRP B 128 -49.91 -11.23 -5.28
CA TRP B 128 -49.41 -11.28 -3.89
C TRP B 128 -49.31 -9.91 -3.15
N GLU B 129 -49.99 -9.78 -2.00
CA GLU B 129 -50.18 -8.48 -1.32
C GLU B 129 -49.28 -8.26 -0.08
N GLY B 130 -48.37 -9.21 0.20
CA GLY B 130 -47.59 -9.13 1.41
C GLY B 130 -46.13 -8.95 1.09
N PRO B 131 -45.27 -9.25 2.07
CA PRO B 131 -43.77 -9.11 2.01
C PRO B 131 -43.06 -10.13 1.10
N ARG B 132 -41.86 -9.79 0.64
CA ARG B 132 -40.91 -10.71 0.04
C ARG B 132 -39.57 -10.51 0.82
N PRO B 133 -39.43 -11.19 1.97
CA PRO B 133 -38.25 -11.00 2.84
C PRO B 133 -36.90 -11.37 2.18
N PHE B 134 -36.92 -12.36 1.28
CA PHE B 134 -35.71 -12.71 0.53
C PHE B 134 -35.85 -12.24 -0.91
N GLY B 135 -36.64 -11.20 -1.16
CA GLY B 135 -36.82 -10.68 -2.52
C GLY B 135 -37.35 -11.71 -3.51
N ASP B 136 -36.69 -11.78 -4.67
CA ASP B 136 -37.04 -12.69 -5.77
C ASP B 136 -36.56 -14.15 -5.59
N VAL B 137 -35.78 -14.41 -4.54
CA VAL B 137 -35.39 -15.79 -4.22
C VAL B 137 -36.66 -16.66 -3.98
N VAL B 138 -36.58 -17.92 -4.42
CA VAL B 138 -37.65 -18.90 -4.27
C VAL B 138 -37.05 -20.10 -3.53
N VAL B 139 -37.51 -20.37 -2.29
CA VAL B 139 -36.87 -21.49 -1.53
C VAL B 139 -37.32 -22.78 -2.17
N ASP B 140 -36.67 -23.87 -1.86
CA ASP B 140 -37.06 -25.15 -2.46
C ASP B 140 -38.09 -25.82 -1.64
N GLY B 141 -38.43 -25.23 -0.51
CA GLY B 141 -39.42 -25.83 0.31
C GLY B 141 -39.40 -25.42 1.75
N PHE B 142 -39.98 -26.27 2.60
CA PHE B 142 -40.26 -25.89 3.98
C PHE B 142 -40.01 -27.05 4.91
N ASP B 143 -39.43 -26.72 6.07
CA ASP B 143 -39.09 -27.69 7.07
C ASP B 143 -39.92 -27.43 8.32
N PHE B 144 -40.42 -28.50 8.94
CA PHE B 144 -41.33 -28.39 10.10
C PHE B 144 -40.58 -28.85 11.36
N ASP B 145 -39.91 -27.91 12.04
CA ASP B 145 -39.19 -28.18 13.25
C ASP B 145 -40.00 -27.65 14.42
N ILE B 146 -41.17 -28.25 14.63
CA ILE B 146 -42.10 -27.86 15.71
C ILE B 146 -41.63 -28.56 16.96
N GLU B 147 -41.28 -27.82 18.00
CA GLU B 147 -40.79 -28.52 19.21
C GLU B 147 -41.64 -28.35 20.45
N HIS B 148 -42.80 -27.68 20.35
CA HIS B 148 -43.65 -27.44 21.53
C HIS B 148 -45.15 -27.37 21.20
N ASN B 149 -45.98 -27.65 22.21
CA ASN B 149 -47.41 -27.29 22.17
C ASN B 149 -48.30 -28.15 21.33
N GLY B 150 -47.85 -29.31 20.90
CA GLY B 150 -48.81 -30.28 20.38
C GLY B 150 -48.75 -30.23 18.89
N GLY B 151 -49.61 -31.03 18.26
CA GLY B 151 -49.52 -31.36 16.84
C GLY B 151 -50.59 -30.70 16.03
N PHE B 152 -51.44 -29.86 16.65
CA PHE B 152 -52.57 -29.30 15.89
C PHE B 152 -52.19 -28.40 14.68
N GLY B 153 -52.80 -28.66 13.53
CA GLY B 153 -52.64 -27.78 12.38
C GLY B 153 -51.55 -28.05 11.35
N TYR B 154 -50.50 -28.80 11.69
CA TYR B 154 -49.34 -29.00 10.79
C TYR B 154 -49.63 -29.87 9.59
N ALA B 155 -50.44 -30.92 9.78
CA ALA B 155 -50.93 -31.74 8.63
C ALA B 155 -51.63 -30.87 7.61
N THR B 156 -52.49 -29.97 8.09
CA THR B 156 -53.17 -29.07 7.17
C THR B 156 -52.19 -28.12 6.51
N MET B 157 -51.25 -27.52 7.25
CA MET B 157 -50.24 -26.70 6.56
C MET B 157 -49.54 -27.49 5.46
N VAL B 158 -49.16 -28.75 5.74
CA VAL B 158 -48.36 -29.54 4.79
C VAL B 158 -49.15 -29.84 3.50
N ASN B 159 -50.40 -30.32 3.68
CA ASN B 159 -51.33 -30.54 2.58
C ASN B 159 -51.65 -29.28 1.79
N THR B 160 -51.80 -28.17 2.48
CA THR B 160 -51.99 -26.91 1.79
C THR B 160 -50.77 -26.58 0.89
N PHE B 161 -49.54 -26.59 1.43
CA PHE B 161 -48.32 -26.36 0.62
C PHE B 161 -48.30 -27.26 -0.62
N ARG B 162 -48.66 -28.53 -0.41
CA ARG B 162 -48.55 -29.59 -1.41
C ARG B 162 -49.54 -29.30 -2.54
N GLN B 163 -50.74 -28.86 -2.18
CA GLN B 163 -51.65 -28.27 -3.15
C GLN B 163 -51.03 -27.12 -3.96
N TYR B 164 -50.28 -26.25 -3.29
CA TYR B 164 -49.67 -25.10 -3.96
C TYR B 164 -48.54 -25.59 -4.81
N PHE B 165 -47.82 -26.60 -4.35
CA PHE B 165 -46.75 -27.15 -5.16
C PHE B 165 -47.33 -27.55 -6.53
N ASN B 166 -48.54 -28.15 -6.54
CA ASN B 166 -49.05 -28.81 -7.75
C ASN B 166 -49.50 -27.83 -8.82
N GLN B 167 -49.61 -26.54 -8.45
CA GLN B 167 -49.91 -25.44 -9.40
C GLN B 167 -48.72 -24.91 -10.18
N VAL B 168 -47.57 -25.58 -10.04
CA VAL B 168 -46.28 -25.18 -10.56
C VAL B 168 -45.58 -26.47 -10.94
N PRO B 169 -46.14 -27.21 -11.89
CA PRO B 169 -45.63 -28.56 -12.07
C PRO B 169 -44.21 -28.61 -12.65
N GLU B 170 -43.77 -27.50 -13.25
CA GLU B 170 -42.43 -27.43 -13.86
C GLU B 170 -41.26 -27.56 -12.84
N ARG B 171 -41.58 -27.56 -11.54
CA ARG B 171 -40.52 -27.56 -10.54
C ARG B 171 -40.91 -28.40 -9.32
N LYS B 172 -39.96 -29.22 -8.85
CA LYS B 172 -40.10 -30.04 -7.66
C LYS B 172 -39.80 -29.23 -6.40
N PHE B 173 -40.78 -29.10 -5.51
CA PHE B 173 -40.62 -28.57 -4.13
C PHE B 173 -40.66 -29.64 -3.09
N TYR B 174 -40.11 -29.35 -1.90
CA TYR B 174 -39.94 -30.33 -0.82
C TYR B 174 -40.52 -29.89 0.52
N LEU B 175 -41.02 -30.87 1.27
CA LEU B 175 -41.48 -30.70 2.64
C LEU B 175 -40.75 -31.66 3.59
N SER B 176 -40.22 -31.13 4.71
CA SER B 176 -39.51 -31.97 5.65
C SER B 176 -40.03 -31.78 7.03
N ALA B 177 -39.60 -32.65 7.97
CA ALA B 177 -40.03 -32.60 9.37
C ALA B 177 -38.87 -33.03 10.27
N ALA B 178 -38.77 -32.42 11.46
CA ALA B 178 -37.70 -32.67 12.41
C ALA B 178 -38.21 -33.11 13.77
N PRO B 179 -38.86 -34.29 13.84
CA PRO B 179 -39.32 -34.73 15.16
C PRO B 179 -38.18 -35.18 16.04
N GLN B 180 -38.43 -35.24 17.34
CA GLN B 180 -37.54 -35.82 18.29
C GLN B 180 -37.78 -37.33 18.35
N CYS B 181 -36.94 -38.05 19.08
CA CYS B 181 -36.87 -39.51 18.94
C CYS B 181 -38.09 -40.32 19.49
N ILE B 182 -38.68 -39.87 20.61
CA ILE B 182 -39.83 -40.59 21.27
C ILE B 182 -41.00 -40.71 20.31
N ILE B 183 -41.51 -41.94 20.18
CA ILE B 183 -42.69 -42.23 19.42
C ILE B 183 -43.82 -42.39 20.45
N PRO B 184 -44.98 -41.73 20.25
CA PRO B 184 -45.31 -40.73 19.23
C PRO B 184 -44.75 -39.34 19.59
N ASP B 185 -44.37 -38.59 18.55
CA ASP B 185 -43.84 -37.26 18.77
C ASP B 185 -45.06 -36.38 18.92
N ALA B 186 -45.20 -35.72 20.07
CA ALA B 186 -46.37 -34.88 20.38
C ALA B 186 -46.69 -33.82 19.31
N GLN B 187 -45.67 -33.29 18.65
CA GLN B 187 -45.84 -32.16 17.67
C GLN B 187 -46.07 -32.57 16.23
N LEU B 188 -45.43 -33.68 15.84
CA LEU B 188 -45.29 -34.04 14.41
C LEU B 188 -45.82 -35.40 13.98
N SER B 189 -46.18 -36.28 14.92
CA SER B 189 -46.67 -37.62 14.54
C SER B 189 -47.96 -37.53 13.71
N ASP B 190 -48.83 -36.58 14.05
CA ASP B 190 -50.06 -36.36 13.27
C ASP B 190 -49.79 -35.95 11.79
N ALA B 191 -48.98 -34.91 11.59
CA ALA B 191 -48.53 -34.53 10.24
C ALA B 191 -47.83 -35.66 9.54
N ILE B 192 -47.00 -36.44 10.24
CA ILE B 192 -46.25 -37.51 9.54
C ILE B 192 -47.22 -38.57 9.02
N PHE B 193 -48.21 -38.89 9.86
CA PHE B 193 -49.14 -39.90 9.55
C PHE B 193 -50.08 -39.46 8.45
N ASN B 194 -50.55 -38.22 8.54
CA ASN B 194 -51.69 -37.72 7.74
C ASN B 194 -51.33 -36.90 6.50
N ALA B 195 -50.04 -36.57 6.37
CA ALA B 195 -49.54 -35.80 5.22
C ALA B 195 -48.19 -36.34 4.75
N ALA B 196 -47.89 -36.14 3.45
CA ALA B 196 -46.67 -36.59 2.81
C ALA B 196 -45.47 -35.60 2.91
N PHE B 197 -44.51 -35.91 3.78
CA PHE B 197 -43.21 -35.28 3.77
C PHE B 197 -42.25 -36.00 2.81
N ASP B 198 -41.33 -35.22 2.24
CA ASP B 198 -40.26 -35.77 1.42
C ASP B 198 -39.14 -36.34 2.29
N PHE B 199 -38.79 -35.66 3.36
CA PHE B 199 -37.62 -36.00 4.18
C PHE B 199 -38.08 -35.88 5.64
N ILE B 200 -37.66 -36.77 6.52
CA ILE B 200 -37.89 -36.62 7.96
C ILE B 200 -36.56 -36.84 8.62
N TRP B 201 -36.05 -35.84 9.33
CA TRP B 201 -34.87 -36.03 10.14
C TRP B 201 -35.30 -36.12 11.59
N ILE B 202 -35.11 -37.27 12.21
CA ILE B 202 -35.31 -37.43 13.64
C ILE B 202 -34.09 -36.90 14.37
N GLN B 203 -34.33 -35.97 15.29
CA GLN B 203 -33.26 -35.44 16.11
C GLN B 203 -32.96 -36.50 17.15
N TYR B 204 -31.76 -37.06 17.08
CA TYR B 204 -31.34 -38.14 17.93
C TYR B 204 -30.38 -37.64 19.00
N TYR B 205 -30.70 -36.47 19.49
CA TYR B 205 -29.96 -35.86 20.59
C TYR B 205 -30.93 -35.10 21.46
N ASN B 206 -30.51 -34.94 22.73
CA ASN B 206 -31.23 -34.21 23.79
C ASN B 206 -32.35 -35.01 24.48
N THR B 207 -32.64 -36.22 23.97
CA THR B 207 -33.55 -37.14 24.70
C THR B 207 -32.93 -38.52 24.99
N ALA B 208 -32.87 -38.90 26.27
CA ALA B 208 -32.05 -40.09 26.64
C ALA B 208 -32.65 -41.40 26.19
N ALA B 209 -33.99 -41.43 26.11
CA ALA B 209 -34.69 -42.66 25.96
C ALA B 209 -34.38 -43.33 24.68
N CYS B 210 -34.08 -42.57 23.64
CA CYS B 210 -33.93 -43.14 22.30
C CYS B 210 -32.78 -42.53 21.46
N SER B 211 -31.80 -41.93 22.12
CA SER B 211 -30.78 -41.15 21.48
C SER B 211 -29.98 -42.01 20.52
N ALA B 212 -29.26 -41.38 19.61
CA ALA B 212 -28.25 -42.09 18.78
C ALA B 212 -27.12 -42.65 19.65
N LYS B 213 -26.77 -41.91 20.69
CA LYS B 213 -25.71 -42.36 21.60
C LYS B 213 -26.06 -43.69 22.34
N SER B 214 -27.36 -43.99 22.50
CA SER B 214 -27.86 -45.26 23.08
C SER B 214 -27.77 -46.43 22.12
N PHE B 215 -27.39 -46.16 20.87
CA PHE B 215 -27.05 -47.24 19.95
C PHE B 215 -25.68 -47.79 20.31
N ILE B 216 -24.80 -46.85 20.67
CA ILE B 216 -23.42 -47.13 20.95
C ILE B 216 -23.37 -47.72 22.32
N ASP B 217 -24.04 -47.07 23.25
CA ASP B 217 -24.14 -47.52 24.62
C ASP B 217 -25.61 -47.89 24.92
N THR B 218 -25.90 -49.18 24.83
CA THR B 218 -27.27 -49.65 24.83
C THR B 218 -27.95 -49.62 26.18
N SER B 219 -27.24 -49.12 27.22
CA SER B 219 -27.80 -49.05 28.57
C SER B 219 -28.35 -47.63 28.85
N LEU B 220 -28.17 -46.77 27.85
CA LEU B 220 -28.58 -45.37 27.94
C LEU B 220 -30.06 -45.14 27.61
N GLY B 221 -30.66 -46.03 26.84
CA GLY B 221 -31.99 -45.90 26.24
C GLY B 221 -31.94 -46.93 25.13
N THR B 222 -32.94 -46.98 24.24
CA THR B 222 -32.98 -47.85 23.04
C THR B 222 -33.12 -47.02 21.73
N PHE B 223 -32.14 -47.11 20.82
CA PHE B 223 -32.14 -46.33 19.61
C PHE B 223 -33.21 -46.94 18.73
N ASN B 224 -34.19 -46.15 18.29
CA ASN B 224 -35.45 -46.67 17.76
C ASN B 224 -35.70 -46.41 16.28
N PHE B 225 -34.64 -46.34 15.48
CA PHE B 225 -34.83 -46.11 14.07
C PHE B 225 -35.75 -47.18 13.45
N ASP B 226 -35.66 -48.42 13.94
CA ASP B 226 -36.60 -49.51 13.49
C ASP B 226 -38.10 -49.22 13.69
N ALA B 227 -38.49 -48.76 14.89
CA ALA B 227 -39.92 -48.47 15.17
C ALA B 227 -40.40 -47.35 14.24
N TRP B 228 -39.52 -46.36 14.00
CA TRP B 228 -39.82 -45.22 13.11
C TRP B 228 -40.02 -45.66 11.67
N VAL B 229 -39.24 -46.64 11.19
CA VAL B 229 -39.46 -47.11 9.81
C VAL B 229 -40.87 -47.76 9.73
N THR B 230 -41.16 -48.61 10.70
CA THR B 230 -42.48 -49.26 10.84
C THR B 230 -43.58 -48.23 10.78
N VAL B 231 -43.44 -47.16 11.51
CA VAL B 231 -44.44 -46.11 11.47
C VAL B 231 -44.57 -45.46 10.09
N LEU B 232 -43.42 -45.12 9.51
CA LEU B 232 -43.35 -44.38 8.27
C LEU B 232 -44.02 -45.16 7.15
N LYS B 233 -43.82 -46.47 7.12
CA LYS B 233 -44.39 -47.31 6.10
C LYS B 233 -45.92 -47.47 6.17
N ALA B 234 -46.56 -47.11 7.29
CA ALA B 234 -48.05 -47.07 7.44
C ALA B 234 -48.61 -45.65 7.18
N SER B 235 -47.73 -44.67 7.05
CA SER B 235 -48.15 -43.28 7.06
C SER B 235 -48.38 -42.74 5.65
N ALA B 236 -48.91 -41.53 5.55
CA ALA B 236 -48.95 -40.84 4.27
C ALA B 236 -47.54 -40.38 3.83
N SER B 237 -46.58 -40.44 4.75
CA SER B 237 -45.17 -40.10 4.48
C SER B 237 -44.34 -41.32 4.13
N LYS B 238 -45.02 -42.39 3.70
CA LYS B 238 -44.37 -43.68 3.43
C LYS B 238 -43.29 -43.65 2.34
N ASP B 239 -43.35 -42.69 1.43
CA ASP B 239 -42.25 -42.52 0.49
C ASP B 239 -41.15 -41.59 1.01
N ALA B 240 -41.25 -41.10 2.26
CA ALA B 240 -40.23 -40.17 2.80
C ALA B 240 -38.92 -40.87 2.96
N LYS B 241 -37.83 -40.10 2.83
CA LYS B 241 -36.54 -40.62 3.27
C LYS B 241 -36.32 -40.24 4.72
N LEU B 242 -35.72 -41.16 5.49
CA LEU B 242 -35.57 -41.09 6.94
C LEU B 242 -34.08 -40.88 7.31
N TYR B 243 -33.77 -39.78 8.03
CA TYR B 243 -32.39 -39.30 8.25
C TYR B 243 -32.09 -39.41 9.72
N VAL B 244 -30.85 -39.70 10.09
CA VAL B 244 -30.44 -39.70 11.50
C VAL B 244 -29.92 -38.31 11.83
N GLY B 245 -30.60 -37.62 12.76
CA GLY B 245 -30.16 -36.31 13.18
C GLY B 245 -29.19 -36.29 14.34
N LEU B 246 -28.10 -35.55 14.19
CA LEU B 246 -26.97 -35.65 15.12
C LEU B 246 -26.40 -34.28 15.45
N PRO B 247 -25.90 -34.10 16.69
CA PRO B 247 -25.13 -32.88 16.97
C PRO B 247 -23.79 -32.84 16.19
N ALA B 248 -23.43 -31.68 15.67
CA ALA B 248 -22.18 -31.54 14.89
C ALA B 248 -20.97 -31.20 15.76
N SER B 249 -21.16 -30.95 17.05
CA SER B 249 -20.03 -30.87 17.98
C SER B 249 -20.53 -31.25 19.37
N GLU B 250 -19.62 -31.39 20.34
CA GLU B 250 -20.00 -31.68 21.74
C GLU B 250 -21.04 -30.73 22.31
N THR B 251 -20.88 -29.45 22.08
CA THR B 251 -21.76 -28.45 22.67
C THR B 251 -22.89 -27.97 21.76
N ALA B 252 -23.12 -28.60 20.60
CA ALA B 252 -24.26 -28.30 19.73
C ALA B 252 -25.58 -28.76 20.35
N ALA B 253 -25.50 -29.77 21.20
CA ALA B 253 -26.66 -30.21 21.99
C ALA B 253 -26.16 -30.41 23.44
N ASN B 254 -27.05 -30.85 24.31
CA ASN B 254 -26.68 -31.20 25.67
C ASN B 254 -25.59 -32.26 25.69
N GLN B 255 -24.83 -32.27 26.77
CA GLN B 255 -23.64 -33.11 26.88
C GLN B 255 -24.00 -34.56 26.64
N GLY B 256 -23.11 -35.29 25.97
CA GLY B 256 -23.26 -36.74 25.82
C GLY B 256 -24.12 -37.23 24.66
N TYR B 257 -24.60 -36.33 23.81
CA TYR B 257 -25.38 -36.84 22.71
C TYR B 257 -24.54 -36.81 21.42
N TYR B 258 -23.41 -36.11 21.48
CA TYR B 258 -22.46 -36.05 20.35
C TYR B 258 -21.74 -37.41 20.11
N LEU B 259 -21.64 -37.81 18.85
CA LEU B 259 -21.01 -39.04 18.47
C LEU B 259 -19.74 -38.76 17.67
N THR B 260 -18.67 -39.52 17.97
CA THR B 260 -17.45 -39.40 17.18
C THR B 260 -17.70 -39.92 15.76
N PRO B 261 -16.86 -39.53 14.78
CA PRO B 261 -17.09 -40.20 13.48
C PRO B 261 -17.12 -41.75 13.50
N ASP B 262 -16.30 -42.38 14.34
CA ASP B 262 -16.23 -43.85 14.41
C ASP B 262 -17.55 -44.43 14.90
N GLU B 263 -18.10 -43.77 15.92
CA GLU B 263 -19.42 -44.10 16.49
C GLU B 263 -20.52 -43.86 15.47
N VAL B 264 -20.51 -42.70 14.82
CA VAL B 264 -21.42 -42.47 13.67
C VAL B 264 -21.32 -43.53 12.58
N GLU B 265 -20.11 -43.84 12.14
CA GLU B 265 -19.96 -44.85 11.12
C GLU B 265 -20.69 -46.19 11.40
N SER B 266 -20.66 -46.66 12.64
CA SER B 266 -21.25 -47.97 12.86
C SER B 266 -22.75 -47.87 12.93
N LEU B 267 -23.25 -46.74 13.44
CA LEU B 267 -24.71 -46.47 13.41
C LEU B 267 -25.23 -46.44 11.98
N VAL B 268 -24.71 -45.50 11.21
CA VAL B 268 -25.07 -45.34 9.84
C VAL B 268 -24.90 -46.62 9.01
N SER B 269 -23.83 -47.35 9.26
CA SER B 269 -23.48 -48.53 8.45
C SER B 269 -24.51 -49.62 8.66
N THR B 270 -24.89 -49.85 9.89
CA THR B 270 -25.96 -50.76 10.19
C THR B 270 -27.30 -50.38 9.54
N TYR B 271 -27.67 -49.10 9.63
CA TYR B 271 -29.02 -48.69 9.19
C TYR B 271 -29.13 -48.39 7.72
N MET B 272 -28.01 -48.10 7.07
CA MET B 272 -27.92 -48.06 5.62
C MET B 272 -28.18 -49.43 4.98
N ASP B 273 -27.54 -50.46 5.53
CA ASP B 273 -27.69 -51.86 5.04
C ASP B 273 -29.08 -52.44 5.37
N ARG B 274 -29.59 -52.19 6.57
CA ARG B 274 -30.91 -52.63 6.96
C ARG B 274 -32.00 -52.01 6.09
N TYR B 275 -31.91 -50.74 5.77
CA TYR B 275 -33.01 -50.11 5.02
C TYR B 275 -32.56 -49.29 3.84
N PRO B 276 -32.11 -49.93 2.74
CA PRO B 276 -31.43 -49.14 1.72
C PRO B 276 -32.35 -48.16 1.03
N ASP B 277 -33.65 -48.47 1.06
CA ASP B 277 -34.66 -47.78 0.27
C ASP B 277 -35.39 -46.73 1.16
N THR B 278 -35.21 -46.84 2.47
CA THR B 278 -35.75 -45.82 3.37
C THR B 278 -34.69 -44.88 4.03
N PHE B 279 -33.55 -45.39 4.46
CA PHE B 279 -32.52 -44.54 5.06
C PHE B 279 -32.06 -43.43 4.09
N GLY B 280 -32.03 -42.17 4.54
CA GLY B 280 -31.78 -41.05 3.62
C GLY B 280 -30.40 -40.45 3.80
N GLY B 281 -29.86 -40.60 5.00
CA GLY B 281 -28.63 -39.89 5.34
C GLY B 281 -28.55 -39.39 6.78
N ILE B 282 -27.80 -38.30 6.95
CA ILE B 282 -27.54 -37.69 8.24
C ILE B 282 -28.01 -36.25 8.19
N MET B 283 -28.62 -35.79 9.30
CA MET B 283 -28.93 -34.36 9.46
C MET B 283 -28.10 -33.85 10.59
N LEU B 284 -27.58 -32.64 10.44
CA LEU B 284 -26.72 -32.07 11.49
C LEU B 284 -27.23 -30.80 12.16
N TRP B 285 -27.24 -30.77 13.48
CA TRP B 285 -27.46 -29.50 14.21
C TRP B 285 -26.06 -29.13 14.77
N GLU B 286 -25.42 -28.06 14.29
CA GLU B 286 -25.86 -27.31 13.10
C GLU B 286 -24.60 -26.74 12.43
N ALA B 287 -24.72 -25.86 11.43
CA ALA B 287 -23.58 -25.45 10.55
C ALA B 287 -22.32 -24.92 11.24
N THR B 288 -22.54 -23.99 12.17
CA THR B 288 -21.47 -23.32 12.95
C THR B 288 -20.78 -24.25 13.92
N ALA B 289 -21.55 -25.09 14.60
CA ALA B 289 -20.99 -26.19 15.39
C ALA B 289 -20.07 -27.08 14.47
N SER B 290 -20.56 -27.44 13.27
CA SER B 290 -19.76 -28.26 12.36
C SER B 290 -18.47 -27.50 11.97
N GLU B 291 -18.62 -26.26 11.52
CA GLU B 291 -17.51 -25.37 11.23
C GLU B 291 -16.48 -25.22 12.37
N ASN B 292 -16.94 -25.16 13.61
CA ASN B 292 -16.05 -25.05 14.76
C ASN B 292 -15.40 -26.40 15.24
N ASN B 293 -15.95 -27.52 14.80
CA ASN B 293 -15.45 -28.80 15.19
C ASN B 293 -14.61 -29.30 14.00
N GLN B 294 -13.41 -28.77 13.89
CA GLN B 294 -12.48 -29.15 12.84
C GLN B 294 -11.73 -30.41 13.27
N ILE B 295 -11.79 -31.43 12.42
CA ILE B 295 -11.13 -32.71 12.68
C ILE B 295 -10.13 -32.95 11.54
N ASP B 296 -8.84 -32.98 11.88
CA ASP B 296 -7.77 -33.05 10.91
C ASP B 296 -7.97 -31.99 9.85
N GLY B 297 -8.26 -30.75 10.25
CA GLY B 297 -8.48 -29.63 9.27
C GLY B 297 -9.65 -29.68 8.25
N ALA B 298 -10.70 -30.42 8.56
CA ALA B 298 -11.92 -30.42 7.75
C ALA B 298 -13.10 -30.41 8.74
N PRO B 299 -14.18 -29.63 8.44
CA PRO B 299 -15.29 -29.57 9.41
C PRO B 299 -16.01 -30.92 9.60
N TYR B 300 -16.71 -31.04 10.71
CA TYR B 300 -17.44 -32.28 11.04
C TYR B 300 -18.31 -32.78 9.88
N ALA B 301 -19.05 -31.85 9.24
CA ALA B 301 -19.90 -32.19 8.08
C ALA B 301 -19.18 -32.89 6.92
N ASP B 302 -17.92 -32.53 6.62
CA ASP B 302 -17.21 -33.23 5.56
C ASP B 302 -16.90 -34.65 5.94
N HIS B 303 -16.59 -34.87 7.23
CA HIS B 303 -16.38 -36.22 7.68
C HIS B 303 -17.69 -37.09 7.64
N MET B 304 -18.84 -36.48 7.92
CA MET B 304 -20.16 -37.17 7.79
C MET B 304 -20.42 -37.68 6.38
N LYS B 305 -20.12 -36.85 5.39
CA LYS B 305 -20.37 -37.13 4.03
C LYS B 305 -19.51 -38.32 3.53
N ASP B 306 -18.26 -38.29 3.97
CA ASP B 306 -17.22 -39.25 3.77
C ASP B 306 -17.67 -40.63 4.30
N ILE B 307 -18.08 -40.69 5.57
CA ILE B 307 -18.74 -41.86 6.11
C ILE B 307 -19.85 -42.37 5.21
N LEU B 308 -20.72 -41.47 4.74
CA LEU B 308 -21.91 -41.86 4.01
C LEU B 308 -21.58 -42.35 2.62
N LEU B 309 -20.40 -41.96 2.12
CA LEU B 309 -19.92 -42.36 0.76
C LEU B 309 -19.17 -43.68 0.78
N HIS B 310 -18.78 -44.11 1.98
CA HIS B 310 -18.27 -45.45 2.18
C HIS B 310 -19.32 -46.47 2.56
N PHE C 1 58.72 12.07 1.02
CA PHE C 1 58.38 11.03 0.01
C PHE C 1 56.98 10.36 0.17
N SER C 2 55.95 11.06 0.67
CA SER C 2 54.58 10.44 0.60
C SER C 2 53.69 10.88 -0.61
N ASN C 3 52.62 10.16 -0.84
CA ASN C 3 52.17 9.99 -2.21
C ASN C 3 50.87 10.75 -2.59
N LEU C 4 50.64 10.91 -3.89
CA LEU C 4 49.39 11.52 -4.36
C LEU C 4 48.68 10.60 -5.34
N ALA C 5 47.43 10.34 -5.05
CA ALA C 5 46.63 9.52 -5.92
C ALA C 5 45.40 10.33 -6.27
N ILE C 6 44.84 9.96 -7.41
CA ILE C 6 43.71 10.60 -8.03
C ILE C 6 42.86 9.62 -8.90
N TYR C 7 41.54 9.81 -8.89
CA TYR C 7 40.65 9.00 -9.72
C TYR C 7 40.55 9.62 -11.12
N TRP C 8 40.57 8.76 -12.15
CA TRP C 8 40.28 9.16 -13.55
C TRP C 8 39.19 8.28 -14.23
N GLY C 9 38.36 8.88 -15.11
CA GLY C 9 37.37 8.09 -15.87
C GLY C 9 35.96 8.73 -15.93
N GLN C 10 35.64 9.53 -14.92
CA GLN C 10 34.27 10.02 -14.83
C GLN C 10 34.24 11.55 -14.96
N GLY C 11 35.35 12.07 -15.50
CA GLY C 11 35.51 13.50 -15.78
C GLY C 11 34.50 13.95 -16.80
N PRO C 12 33.97 15.16 -16.62
CA PRO C 12 33.12 15.78 -17.64
C PRO C 12 33.99 16.58 -18.59
N ASN C 13 33.85 16.36 -19.90
CA ASN C 13 34.76 16.98 -20.86
C ASN C 13 36.16 16.69 -20.35
N GLN C 14 36.54 15.42 -20.42
CA GLN C 14 37.74 14.92 -19.73
C GLN C 14 38.89 14.59 -20.70
N LEU C 15 40.05 15.18 -20.41
CA LEU C 15 41.23 14.89 -21.16
C LEU C 15 41.54 13.36 -21.12
N ARG C 16 42.28 12.91 -22.15
CA ARG C 16 42.67 11.51 -22.23
C ARG C 16 43.64 11.17 -21.09
N LEU C 17 43.70 9.88 -20.74
CA LEU C 17 44.48 9.46 -19.64
C LEU C 17 45.96 9.89 -19.79
N SER C 18 46.45 9.87 -21.03
CA SER C 18 47.86 10.27 -21.39
C SER C 18 48.28 11.71 -20.93
N HIS C 19 47.36 12.66 -20.97
CA HIS C 19 47.67 14.03 -20.47
C HIS C 19 48.02 13.92 -18.98
N PHE C 20 47.26 13.11 -18.25
CA PHE C 20 47.56 12.94 -16.83
C PHE C 20 48.78 12.08 -16.57
N CYS C 21 49.11 11.22 -17.52
CA CYS C 21 50.32 10.42 -17.37
C CYS C 21 51.50 11.37 -17.38
N GLN C 22 51.27 12.50 -18.06
CA GLN C 22 52.24 13.56 -18.24
C GLN C 22 52.43 14.43 -16.99
N GLU C 23 51.63 14.18 -15.95
CA GLU C 23 51.75 15.06 -14.75
C GLU C 23 52.58 14.46 -13.58
N THR C 24 53.73 15.09 -13.33
CA THR C 24 54.84 14.62 -12.47
C THR C 24 54.33 14.28 -11.10
N SER C 25 53.48 15.17 -10.60
CA SER C 25 52.92 15.01 -9.26
C SER C 25 52.14 13.71 -8.97
N LEU C 26 51.62 13.01 -10.00
CA LEU C 26 50.71 11.89 -9.68
C LEU C 26 51.39 10.55 -9.47
N ASP C 27 51.15 9.96 -8.31
CA ASP C 27 51.82 8.75 -7.96
C ASP C 27 50.91 7.62 -8.35
N ILE C 28 49.61 7.79 -8.13
CA ILE C 28 48.72 6.62 -8.34
C ILE C 28 47.44 7.06 -9.02
N ILE C 29 47.11 6.37 -10.09
CA ILE C 29 45.99 6.81 -10.84
C ILE C 29 45.02 5.64 -10.76
N ASN C 30 43.86 5.93 -10.16
CA ASN C 30 42.74 4.98 -10.12
C ASN C 30 41.74 5.24 -11.26
N ILE C 31 41.53 4.24 -12.13
CA ILE C 31 40.56 4.28 -13.29
C ILE C 31 39.17 3.71 -12.98
N GLY C 32 38.15 4.59 -12.93
CA GLY C 32 36.73 4.27 -12.64
C GLY C 32 35.83 4.26 -13.89
N PHE C 33 34.98 3.22 -14.04
CA PHE C 33 34.74 2.12 -13.08
C PHE C 33 34.43 0.73 -13.71
N ILE C 34 34.55 -0.36 -12.91
CA ILE C 34 33.86 -1.60 -13.25
C ILE C 34 32.61 -1.49 -12.43
N ASN C 35 31.56 -0.97 -13.05
CA ASN C 35 30.34 -0.52 -12.35
C ASN C 35 29.20 -1.56 -12.33
N TYR C 36 29.25 -2.51 -13.26
CA TYR C 36 28.28 -3.64 -13.28
C TYR C 36 28.93 -4.94 -12.78
N PHE C 37 28.36 -5.52 -11.73
CA PHE C 37 28.90 -6.69 -11.05
C PHE C 37 28.11 -7.95 -11.52
N PRO C 38 28.77 -9.13 -11.62
CA PRO C 38 28.27 -10.32 -12.41
C PRO C 38 26.89 -10.86 -12.04
N ASP C 39 26.56 -10.78 -10.75
CA ASP C 39 25.33 -11.35 -10.20
C ASP C 39 24.06 -10.74 -10.82
N MET C 40 24.11 -9.44 -11.11
CA MET C 40 22.97 -8.76 -11.72
C MET C 40 23.28 -8.17 -13.12
N SER C 41 24.34 -8.67 -13.76
CA SER C 41 24.67 -8.15 -15.10
C SER C 41 24.50 -9.20 -16.25
N PRO C 42 24.18 -8.73 -17.47
CA PRO C 42 24.02 -9.65 -18.63
C PRO C 42 25.19 -10.64 -18.72
N GLY C 43 24.85 -11.95 -18.80
CA GLY C 43 25.82 -13.03 -19.04
C GLY C 43 26.68 -13.46 -17.87
N HIS C 44 26.32 -12.99 -16.67
CA HIS C 44 27.12 -13.12 -15.44
C HIS C 44 28.55 -12.56 -15.62
N TRP C 45 28.65 -11.58 -16.52
CA TRP C 45 29.86 -10.79 -16.79
C TRP C 45 29.86 -9.41 -16.07
N PRO C 46 31.03 -8.99 -15.59
CA PRO C 46 30.96 -7.62 -15.13
C PRO C 46 30.89 -6.60 -16.33
N GLY C 47 30.55 -5.36 -16.01
CA GLY C 47 30.44 -4.30 -16.99
C GLY C 47 31.14 -3.03 -16.53
N SER C 48 31.37 -2.12 -17.45
CA SER C 48 32.22 -0.95 -17.18
C SER C 48 31.71 0.31 -17.86
N ASN C 49 32.32 1.43 -17.53
CA ASN C 49 31.95 2.71 -18.12
C ASN C 49 33.15 3.63 -17.88
N PHE C 50 33.60 4.30 -18.95
CA PHE C 50 34.76 5.19 -18.83
C PHE C 50 34.55 6.57 -19.43
N GLY C 51 33.39 7.15 -19.08
CA GLY C 51 33.09 8.56 -19.38
C GLY C 51 33.11 8.73 -20.87
N ASN C 52 33.69 9.83 -21.31
CA ASN C 52 33.96 10.04 -22.71
C ASN C 52 34.92 9.02 -23.39
N CYS C 54 35.68 5.29 -24.50
CA CYS C 54 35.68 4.05 -25.36
C CYS C 54 35.00 3.53 -26.65
N GLY C 56 31.50 3.21 -27.13
CA GLY C 56 30.19 2.61 -26.86
C GLY C 56 30.05 1.09 -27.10
N SER C 57 30.98 0.49 -27.85
CA SER C 57 30.91 -0.96 -28.19
C SER C 57 31.07 -1.91 -26.98
N VAL C 58 30.40 -3.07 -27.04
CA VAL C 58 30.37 -4.01 -25.90
C VAL C 58 30.65 -5.45 -26.30
N TYR C 59 31.13 -6.25 -25.36
CA TYR C 59 31.41 -7.64 -25.63
C TYR C 59 30.13 -8.42 -25.81
N VAL C 60 30.08 -9.19 -26.89
CA VAL C 60 29.05 -10.21 -27.02
C VAL C 60 29.70 -11.58 -26.81
N THR C 61 29.12 -12.30 -25.85
CA THR C 61 29.44 -13.66 -25.48
C THR C 61 29.47 -14.64 -26.68
N ASN C 62 30.30 -15.67 -26.54
CA ASN C 62 30.31 -16.86 -27.38
C ASN C 62 28.89 -17.28 -27.83
N ASP C 63 27.93 -17.40 -26.90
CA ASP C 63 26.53 -17.84 -27.24
C ASP C 63 25.50 -16.70 -27.41
N GLY C 64 25.99 -15.48 -27.65
CA GLY C 64 25.13 -14.38 -28.03
C GLY C 64 24.39 -13.74 -26.87
N VAL C 65 25.10 -13.46 -25.78
CA VAL C 65 24.55 -12.64 -24.70
C VAL C 65 25.30 -11.31 -24.74
N VAL C 66 24.57 -10.23 -25.03
CA VAL C 66 25.16 -8.87 -25.00
C VAL C 66 25.47 -8.50 -23.53
N THR C 67 26.75 -8.22 -23.27
CA THR C 67 27.22 -7.85 -21.92
C THR C 67 27.18 -6.32 -21.72
N LYS C 68 27.45 -5.89 -20.49
CA LYS C 68 27.85 -4.51 -20.22
C LYS C 68 29.38 -4.45 -20.10
N SER C 71 36.60 -4.71 -25.75
CA SER C 71 35.83 -4.13 -26.82
C SER C 71 36.49 -2.80 -27.19
N GLY C 72 35.89 -1.66 -26.89
CA GLY C 72 36.26 -0.45 -27.61
C GLY C 72 37.02 0.61 -26.84
N CYS C 73 37.92 0.20 -25.96
CA CYS C 73 38.56 1.21 -25.11
C CYS C 73 40.01 1.39 -25.54
N HIS C 74 40.18 2.03 -26.69
CA HIS C 74 41.47 2.10 -27.37
C HIS C 74 42.46 3.06 -26.67
N GLN C 75 42.04 4.28 -26.37
CA GLN C 75 42.96 5.24 -25.75
C GLN C 75 42.51 4.54 -24.44
N ILE C 76 43.43 4.36 -23.51
CA ILE C 76 43.03 3.78 -22.24
C ILE C 76 44.22 2.78 -22.51
N MET C 77 44.04 1.93 -23.53
CA MET C 77 44.95 0.84 -23.88
C MET C 77 46.34 1.41 -24.17
N GLU C 78 46.36 2.55 -24.85
CA GLU C 78 47.60 3.24 -25.17
C GLU C 78 48.15 3.84 -23.92
N ASP C 79 47.28 4.53 -23.17
CA ASP C 79 47.64 5.50 -22.13
C ASP C 79 48.20 4.82 -20.87
N ILE C 80 47.48 3.83 -20.34
CA ILE C 80 48.03 3.04 -19.23
C ILE C 80 49.59 2.89 -19.28
N PRO C 81 50.16 2.09 -20.22
CA PRO C 81 51.66 1.91 -20.18
C PRO C 81 52.55 3.21 -20.20
N ILE C 82 52.06 4.28 -20.82
CA ILE C 82 52.61 5.64 -20.63
C ILE C 82 52.67 6.08 -19.15
N CYS C 83 51.54 5.94 -18.40
CA CYS C 83 51.55 6.18 -16.96
C CYS C 83 52.51 5.21 -16.21
N GLN C 84 52.59 3.96 -16.69
CA GLN C 84 53.49 2.98 -16.05
C GLN C 84 55.01 3.23 -16.32
N ALA C 85 55.33 3.51 -17.59
CA ALA C 85 56.52 4.13 -18.09
C ALA C 85 56.92 5.39 -17.27
N ALA C 86 55.91 6.02 -16.65
CA ALA C 86 56.10 7.26 -15.91
C ALA C 86 56.29 7.05 -14.43
N GLY C 87 56.48 5.81 -14.00
CA GLY C 87 56.76 5.56 -12.59
C GLY C 87 55.46 5.62 -11.80
N LYS C 88 54.34 5.83 -12.51
CA LYS C 88 52.99 5.91 -11.88
C LYS C 88 52.25 4.54 -11.89
N LYS C 89 51.39 4.35 -10.91
CA LYS C 89 50.84 3.02 -10.61
C LYS C 89 49.36 3.06 -11.02
N VAL C 90 48.90 2.04 -11.74
CA VAL C 90 47.53 2.09 -12.28
C VAL C 90 46.57 1.00 -11.75
N LEU C 91 45.71 1.47 -10.88
CA LEU C 91 44.70 0.63 -10.28
C LEU C 91 43.39 0.82 -11.09
N LEU C 92 42.71 -0.29 -11.27
CA LEU C 92 41.42 -0.26 -11.91
C LEU C 92 40.40 -0.25 -10.80
N SER C 93 39.50 0.75 -10.79
CA SER C 93 38.52 0.82 -9.69
C SER C 93 37.27 -0.03 -9.93
N ILE C 94 36.87 -0.69 -8.87
CA ILE C 94 35.63 -1.45 -8.86
C ILE C 94 34.49 -0.62 -8.18
N GLY C 95 33.50 -0.21 -8.95
CA GLY C 95 32.19 0.22 -8.33
C GLY C 95 31.76 1.63 -8.72
N GLY C 96 32.15 2.63 -7.93
CA GLY C 96 31.68 3.98 -8.17
C GLY C 96 30.38 4.35 -7.49
N ALA C 97 29.79 5.48 -7.92
CA ALA C 97 28.45 5.99 -7.48
C ALA C 97 27.27 5.46 -8.32
N TYR C 98 27.47 5.28 -9.63
CA TYR C 98 26.37 4.81 -10.53
C TYR C 98 26.67 3.47 -11.28
N PRO C 99 25.71 2.51 -11.28
CA PRO C 99 24.35 2.60 -10.71
C PRO C 99 24.36 2.26 -9.19
N PRO C 100 23.25 2.52 -8.45
CA PRO C 100 23.39 2.31 -6.99
C PRO C 100 22.99 0.93 -6.44
N ASP C 101 22.67 -0.04 -7.32
CA ASP C 101 22.04 -1.32 -6.90
C ASP C 101 22.91 -2.60 -7.06
N GLN C 102 24.17 -2.43 -7.48
CA GLN C 102 25.11 -3.57 -7.61
C GLN C 102 25.62 -4.06 -6.22
N SER C 103 25.76 -5.37 -6.06
CA SER C 103 26.23 -5.94 -4.80
C SER C 103 26.88 -7.31 -5.03
N ILE C 104 27.49 -7.84 -3.98
CA ILE C 104 28.15 -9.14 -4.05
C ILE C 104 27.19 -10.27 -3.68
N LEU C 105 27.67 -11.51 -3.78
CA LEU C 105 26.86 -12.67 -3.46
C LEU C 105 27.74 -13.88 -3.12
N SER C 106 29.05 -13.67 -3.14
CA SER C 106 30.00 -14.74 -2.85
C SER C 106 29.62 -16.03 -3.57
N GLU C 107 28.61 -15.94 -4.43
CA GLU C 107 28.14 -17.10 -5.19
C GLU C 107 29.24 -18.14 -5.33
N ASP C 108 30.20 -17.86 -6.20
CA ASP C 108 31.31 -18.79 -6.43
C ASP C 108 31.22 -19.43 -7.81
N SER C 109 31.00 -18.60 -8.83
CA SER C 109 30.86 -17.16 -8.64
C SER C 109 31.86 -16.64 -7.60
N ALA C 110 31.36 -15.94 -6.60
CA ALA C 110 32.21 -15.39 -5.55
C ALA C 110 33.57 -14.99 -6.10
N VAL C 111 34.59 -15.76 -5.75
CA VAL C 111 35.94 -15.50 -6.22
C VAL C 111 35.98 -15.40 -7.74
N ALA C 112 34.81 -15.55 -8.36
CA ALA C 112 34.71 -15.49 -9.82
C ALA C 112 34.75 -14.05 -10.38
N PHE C 113 34.24 -13.09 -9.62
CA PHE C 113 34.46 -11.67 -9.92
C PHE C 113 35.96 -11.27 -9.93
N ALA C 114 36.71 -11.79 -8.95
CA ALA C 114 38.13 -11.54 -8.77
C ALA C 114 38.98 -12.25 -9.82
N THR C 115 38.69 -13.53 -10.03
CA THR C 115 39.17 -14.33 -11.16
C THR C 115 38.84 -13.65 -12.49
N PHE C 116 37.57 -13.28 -12.70
CA PHE C 116 37.23 -12.66 -14.01
C PHE C 116 38.11 -11.43 -14.23
N LEU C 117 38.32 -10.65 -13.17
CA LEU C 117 39.09 -9.40 -13.35
C LEU C 117 40.58 -9.69 -13.42
N TRP C 118 41.03 -10.77 -12.79
CA TRP C 118 42.44 -11.19 -12.95
C TRP C 118 42.75 -11.52 -14.42
N GLY C 119 42.28 -12.66 -14.93
CA GLY C 119 42.47 -13.03 -16.37
C GLY C 119 42.25 -11.88 -17.38
N ALA C 120 41.24 -11.06 -17.16
CA ALA C 120 40.86 -10.12 -18.21
C ALA C 120 41.64 -8.82 -18.09
N PHE C 121 42.08 -8.47 -16.89
CA PHE C 121 42.82 -7.20 -16.71
C PHE C 121 44.30 -7.33 -16.26
N GLY C 122 44.62 -8.36 -15.46
CA GLY C 122 45.98 -8.64 -15.00
C GLY C 122 46.80 -9.34 -16.07
N PRO C 123 47.91 -10.03 -15.69
CA PRO C 123 48.78 -10.69 -16.69
C PRO C 123 48.04 -11.41 -17.85
N PRO C 131 37.46 -11.68 -21.91
CA PRO C 131 38.14 -10.93 -22.99
C PRO C 131 39.39 -10.23 -22.49
N ARG C 132 39.98 -9.41 -23.34
CA ARG C 132 41.18 -8.62 -22.98
C ARG C 132 40.94 -7.19 -23.35
N PRO C 133 40.06 -6.48 -22.58
CA PRO C 133 39.46 -5.19 -22.95
C PRO C 133 40.48 -4.04 -23.07
N PHE C 134 41.62 -4.17 -22.36
CA PHE C 134 42.75 -3.22 -22.48
C PHE C 134 43.94 -3.75 -23.32
N GLY C 135 43.86 -5.02 -23.80
CA GLY C 135 44.76 -5.54 -24.83
C GLY C 135 45.89 -6.39 -24.31
N ASP C 136 47.14 -5.97 -24.47
CA ASP C 136 48.13 -6.54 -23.55
C ASP C 136 48.48 -5.60 -22.44
N VAL C 137 47.66 -4.55 -22.22
CA VAL C 137 47.76 -3.70 -20.99
C VAL C 137 47.68 -4.50 -19.68
N VAL C 138 48.76 -4.43 -18.91
CA VAL C 138 48.78 -4.99 -17.54
C VAL C 138 48.66 -3.86 -16.46
N VAL C 139 47.60 -3.90 -15.65
CA VAL C 139 47.44 -2.95 -14.59
C VAL C 139 48.12 -3.40 -13.28
N ASP C 140 48.24 -2.46 -12.35
CA ASP C 140 48.95 -2.61 -11.05
C ASP C 140 48.12 -3.17 -9.86
N GLY C 141 46.82 -3.28 -10.05
CA GLY C 141 46.00 -3.95 -9.06
C GLY C 141 44.63 -3.36 -9.16
N PHE C 142 43.90 -3.44 -8.05
CA PHE C 142 42.45 -3.14 -8.06
C PHE C 142 41.98 -2.26 -6.91
N ASP C 143 41.05 -1.37 -7.23
CA ASP C 143 40.50 -0.41 -6.28
C ASP C 143 39.05 -0.80 -6.00
N PHE C 144 38.77 -0.92 -4.71
CA PHE C 144 37.45 -1.27 -4.20
C PHE C 144 36.85 0.06 -3.75
N ASP C 145 35.85 0.53 -4.49
CA ASP C 145 35.18 1.79 -4.16
C ASP C 145 33.68 1.52 -4.11
N ILE C 146 33.32 0.70 -3.14
CA ILE C 146 31.95 0.29 -2.82
C ILE C 146 31.31 1.38 -1.97
N GLU C 147 30.15 1.83 -2.44
CA GLU C 147 29.51 3.07 -1.97
C GLU C 147 28.05 2.83 -1.68
N HIS C 148 27.52 1.67 -2.11
CA HIS C 148 26.25 1.10 -1.55
C HIS C 148 26.11 -0.44 -1.30
N ASN C 149 25.02 -0.83 -0.64
CA ASN C 149 24.51 -2.22 -0.59
C ASN C 149 25.27 -3.18 0.31
N GLY C 150 26.10 -2.63 1.20
CA GLY C 150 26.76 -3.45 2.21
C GLY C 150 28.10 -4.05 1.79
N GLY C 151 28.63 -4.91 2.67
CA GLY C 151 30.01 -5.40 2.61
C GLY C 151 30.24 -6.89 2.33
N PHE C 152 29.20 -7.62 1.92
CA PHE C 152 29.40 -9.04 1.59
C PHE C 152 30.42 -9.25 0.44
N GLY C 153 31.40 -10.14 0.65
CA GLY C 153 32.23 -10.68 -0.44
C GLY C 153 33.52 -9.98 -0.84
N TYR C 154 33.72 -8.71 -0.43
CA TYR C 154 35.00 -7.91 -0.65
C TYR C 154 36.25 -8.48 0.00
N ALA C 155 36.17 -8.75 1.29
CA ALA C 155 37.18 -9.56 1.96
C ALA C 155 37.56 -10.77 1.07
N THR C 156 36.59 -11.61 0.72
CA THR C 156 36.85 -12.77 -0.18
C THR C 156 37.53 -12.36 -1.49
N MET C 157 36.95 -11.37 -2.19
CA MET C 157 37.51 -10.86 -3.43
C MET C 157 38.97 -10.46 -3.28
N VAL C 158 39.28 -9.79 -2.17
CA VAL C 158 40.62 -9.28 -1.92
C VAL C 158 41.56 -10.43 -1.59
N ASN C 159 41.13 -11.31 -0.69
CA ASN C 159 41.90 -12.52 -0.43
C ASN C 159 42.25 -13.24 -1.75
N THR C 160 41.21 -13.45 -2.59
CA THR C 160 41.30 -14.09 -3.96
C THR C 160 42.27 -13.41 -4.98
N PHE C 161 42.11 -12.10 -5.21
CA PHE C 161 43.11 -11.26 -5.92
C PHE C 161 44.53 -11.49 -5.35
N ARG C 162 44.68 -11.35 -4.04
CA ARG C 162 45.99 -11.48 -3.39
C ARG C 162 46.60 -12.90 -3.42
N GLN C 163 45.77 -13.91 -3.68
CA GLN C 163 46.24 -15.29 -3.75
C GLN C 163 47.24 -15.49 -4.87
N TYR C 164 48.07 -14.48 -5.10
CA TYR C 164 49.08 -14.54 -6.15
C TYR C 164 48.52 -14.07 -7.49
N PHE C 165 48.73 -12.81 -7.81
CA PHE C 165 49.45 -11.90 -6.92
C PHE C 165 50.51 -12.66 -6.13
N ASN C 166 50.17 -13.86 -5.70
CA ASN C 166 51.11 -14.71 -4.91
C ASN C 166 51.74 -15.82 -5.74
N GLU C 170 57.62 -11.82 -9.17
CA GLU C 170 58.48 -11.05 -10.06
C GLU C 170 57.99 -9.59 -10.19
N ARG C 171 56.90 -9.30 -9.49
CA ARG C 171 56.21 -8.04 -9.65
C ARG C 171 55.19 -7.90 -8.55
N LYS C 172 55.16 -6.72 -7.96
CA LYS C 172 54.19 -6.42 -6.90
C LYS C 172 52.99 -5.74 -7.55
N PHE C 173 51.80 -6.28 -7.27
CA PHE C 173 50.51 -5.63 -7.50
C PHE C 173 49.98 -5.18 -6.14
N TYR C 174 48.91 -4.40 -6.21
CA TYR C 174 48.41 -3.61 -5.07
C TYR C 174 46.88 -3.72 -5.00
N LEU C 175 46.36 -3.69 -3.79
CA LEU C 175 44.95 -3.56 -3.61
C LEU C 175 44.68 -2.33 -2.74
N SER C 176 43.54 -1.71 -3.00
CA SER C 176 43.16 -0.50 -2.35
C SER C 176 41.66 -0.51 -2.03
N ALA C 177 41.29 0.34 -1.07
CA ALA C 177 39.95 0.43 -0.58
C ALA C 177 39.66 1.92 -0.57
N ALA C 178 38.42 2.33 -0.87
CA ALA C 178 38.02 3.79 -0.88
C ALA C 178 36.75 4.14 0.01
N PRO C 179 36.80 3.87 1.32
CA PRO C 179 35.61 4.08 2.20
C PRO C 179 35.25 5.54 2.51
N GLN C 180 34.00 5.82 2.90
CA GLN C 180 33.68 7.17 3.50
C GLN C 180 34.14 7.22 4.97
N CYS C 181 34.10 8.39 5.59
CA CYS C 181 34.71 8.70 6.87
C CYS C 181 34.03 8.09 8.10
N ILE C 182 32.70 7.88 8.01
CA ILE C 182 31.91 7.21 9.12
C ILE C 182 32.29 5.76 9.37
N ILE C 183 32.56 5.47 10.63
CA ILE C 183 32.94 4.16 11.10
C ILE C 183 31.69 3.64 11.84
N PRO C 184 31.39 2.32 11.75
CA PRO C 184 31.97 1.44 10.73
C PRO C 184 31.42 1.77 9.35
N ASP C 185 32.26 1.64 8.34
CA ASP C 185 31.78 1.79 6.98
C ASP C 185 30.98 0.50 6.61
N ALA C 186 29.74 0.69 6.20
CA ALA C 186 28.84 -0.37 5.89
C ALA C 186 29.37 -1.24 4.72
N GLN C 187 30.09 -0.60 3.77
CA GLN C 187 30.61 -1.25 2.53
C GLN C 187 32.03 -0.94 2.99
N LEU C 188 32.67 -1.87 3.01
CA LEU C 188 34.14 -1.78 3.27
C LEU C 188 34.81 -2.07 4.65
N SER C 189 34.25 -1.94 5.74
CA SER C 189 34.76 -2.20 7.10
C SER C 189 35.06 -3.67 7.27
N ASP C 190 34.09 -4.47 6.82
CA ASP C 190 34.22 -5.95 6.70
C ASP C 190 35.56 -6.36 6.11
N ALA C 191 35.75 -5.93 4.88
CA ALA C 191 36.95 -6.14 4.06
C ALA C 191 38.28 -5.59 4.60
N ILE C 192 38.30 -4.36 5.08
CA ILE C 192 39.50 -3.75 5.63
C ILE C 192 39.90 -4.47 6.91
N PHE C 193 38.88 -4.84 7.66
CA PHE C 193 39.19 -5.61 8.85
C PHE C 193 39.74 -7.03 8.58
N ASN C 194 39.20 -7.72 7.57
CA ASN C 194 39.45 -9.17 7.40
C ASN C 194 40.42 -9.45 6.26
N ALA C 195 40.72 -8.43 5.47
CA ALA C 195 41.49 -8.60 4.24
C ALA C 195 42.53 -7.53 4.18
N ALA C 196 43.60 -7.80 3.44
CA ALA C 196 44.74 -6.91 3.45
C ALA C 196 44.83 -5.98 2.24
N PHE C 197 44.54 -4.70 2.49
CA PHE C 197 44.73 -3.60 1.50
C PHE C 197 46.10 -2.93 1.70
N ASP C 198 46.80 -2.64 0.57
CA ASP C 198 48.02 -1.80 0.51
C ASP C 198 47.75 -0.33 0.85
N PHE C 199 46.69 0.21 0.21
CA PHE C 199 46.29 1.62 0.32
C PHE C 199 44.79 1.78 0.69
N ILE C 200 44.51 2.61 1.68
CA ILE C 200 43.15 2.91 2.11
C ILE C 200 42.97 4.44 1.99
N TRP C 201 42.09 4.88 1.09
CA TRP C 201 41.81 6.29 0.98
C TRP C 201 40.41 6.55 1.49
N ILE C 202 40.29 7.33 2.55
CA ILE C 202 39.00 7.60 3.12
C ILE C 202 38.49 8.80 2.41
N GLN C 203 37.28 8.71 1.84
CA GLN C 203 36.59 9.87 1.25
C GLN C 203 36.17 10.83 2.37
N TYR C 204 36.84 11.97 2.47
CA TYR C 204 36.53 12.89 3.59
C TYR C 204 35.63 14.03 3.14
N TYR C 205 34.76 13.67 2.19
CA TYR C 205 33.82 14.60 1.59
C TYR C 205 32.47 13.87 1.41
N ASN C 206 31.39 14.67 1.58
CA ASN C 206 29.93 14.34 1.42
C ASN C 206 29.31 13.61 2.56
N THR C 207 30.11 13.42 3.62
CA THR C 207 29.58 13.01 4.94
C THR C 207 29.89 13.96 6.08
N ALA C 208 28.82 14.64 6.52
CA ALA C 208 28.87 15.70 7.52
C ALA C 208 29.55 15.32 8.85
N ALA C 209 29.37 14.09 9.33
CA ALA C 209 29.88 13.70 10.69
C ALA C 209 31.42 13.74 10.93
N CYS C 210 32.21 13.45 9.90
CA CYS C 210 33.67 13.45 10.06
C CYS C 210 34.47 14.08 8.90
N SER C 211 33.86 14.99 8.13
CA SER C 211 34.50 15.51 6.90
C SER C 211 35.86 16.21 7.14
N ALA C 212 36.71 16.27 6.13
CA ALA C 212 37.94 17.03 6.24
C ALA C 212 37.59 18.50 6.51
N LYS C 213 36.51 19.00 5.90
CA LYS C 213 36.04 20.35 6.20
C LYS C 213 35.88 20.52 7.72
N SER C 214 35.34 19.50 8.38
CA SER C 214 35.12 19.50 9.84
C SER C 214 36.39 19.52 10.69
N PHE C 215 37.52 19.13 10.09
CA PHE C 215 38.84 19.40 10.71
C PHE C 215 39.08 20.91 10.86
N ILE C 216 38.85 21.66 9.77
CA ILE C 216 39.08 23.10 9.67
C ILE C 216 38.08 23.87 10.53
N ASP C 217 36.88 23.32 10.71
CA ASP C 217 35.89 23.94 11.55
C ASP C 217 35.14 22.92 12.38
N THR C 218 35.68 22.68 13.56
CA THR C 218 35.18 21.71 14.53
C THR C 218 33.81 22.17 15.03
N LEU C 220 32.38 21.13 12.55
CA LEU C 220 31.17 20.34 12.33
C LEU C 220 31.44 18.86 12.53
N GLY C 221 31.55 18.13 11.42
CA GLY C 221 31.81 16.70 11.47
C GLY C 221 33.15 16.37 12.11
N THR C 222 33.11 16.01 13.39
CA THR C 222 34.35 15.67 14.12
C THR C 222 35.26 14.93 13.12
N PHE C 223 36.43 15.48 12.77
CA PHE C 223 37.40 14.77 11.82
C PHE C 223 38.14 13.60 12.48
N ASN C 224 37.95 12.39 11.94
CA ASN C 224 38.22 11.13 12.71
C ASN C 224 39.36 10.23 12.23
N PHE C 225 40.40 10.80 11.64
CA PHE C 225 41.59 10.06 11.19
C PHE C 225 42.20 9.20 12.26
N ASP C 226 42.26 9.77 13.44
CA ASP C 226 42.79 9.13 14.63
C ASP C 226 42.19 7.77 14.91
N ALA C 227 40.85 7.72 14.84
CA ALA C 227 40.03 6.50 15.08
C ALA C 227 40.24 5.49 13.93
N TRP C 228 40.29 6.01 12.69
CA TRP C 228 40.74 5.20 11.56
C TRP C 228 42.10 4.50 11.83
N VAL C 229 43.10 5.26 12.23
CA VAL C 229 44.41 4.66 12.51
C VAL C 229 44.25 3.54 13.54
N THR C 230 43.45 3.83 14.58
CA THR C 230 43.11 2.84 15.63
C THR C 230 42.49 1.54 15.08
N VAL C 231 41.54 1.71 14.15
CA VAL C 231 40.93 0.59 13.43
C VAL C 231 41.97 -0.19 12.62
N LEU C 232 42.91 0.53 11.99
CA LEU C 232 43.92 -0.09 11.17
C LEU C 232 45.00 -0.90 11.95
N LYS C 233 45.53 -0.35 13.05
CA LYS C 233 46.51 -1.00 13.91
C LYS C 233 46.07 -2.40 14.20
N ALA C 234 44.80 -2.60 14.55
CA ALA C 234 44.31 -3.93 14.83
C ALA C 234 44.02 -4.75 13.55
N SER C 235 43.75 -4.11 12.40
CA SER C 235 43.24 -4.86 11.22
C SER C 235 44.23 -5.81 10.53
N ALA C 236 43.71 -6.60 9.58
CA ALA C 236 44.51 -7.37 8.66
C ALA C 236 45.25 -6.45 7.70
N SER C 237 44.73 -5.23 7.50
CA SER C 237 45.42 -4.18 6.74
C SER C 237 46.28 -3.30 7.66
N LYS C 238 46.72 -3.80 8.83
CA LYS C 238 47.55 -2.96 9.75
C LYS C 238 48.80 -2.34 9.07
N ASP C 239 49.21 -2.96 7.97
CA ASP C 239 50.33 -2.42 7.19
C ASP C 239 49.92 -1.53 6.02
N ALA C 240 48.63 -1.15 5.94
CA ALA C 240 48.19 -0.22 4.87
C ALA C 240 48.59 1.21 5.18
N LYS C 241 48.74 2.01 4.10
CA LYS C 241 48.86 3.46 4.19
C LYS C 241 47.44 4.06 4.16
N LEU C 242 47.14 4.94 5.11
CA LEU C 242 45.87 5.67 5.06
C LEU C 242 46.00 7.05 4.40
N TYR C 243 45.12 7.31 3.43
CA TYR C 243 45.13 8.57 2.71
C TYR C 243 43.90 9.39 3.05
N VAL C 244 44.05 10.71 2.93
CA VAL C 244 42.96 11.64 3.15
C VAL C 244 42.43 12.00 1.75
N GLY C 245 41.23 11.52 1.43
CA GLY C 245 40.64 11.72 0.12
C GLY C 245 39.98 13.09 0.14
N LEU C 246 40.33 13.97 -0.81
CA LEU C 246 39.72 15.32 -0.89
C LEU C 246 39.19 15.57 -2.27
N PRO C 247 38.17 16.43 -2.39
CA PRO C 247 37.68 16.72 -3.70
C PRO C 247 38.66 17.70 -4.35
N ALA C 248 38.77 17.69 -5.67
CA ALA C 248 39.82 18.51 -6.31
C ALA C 248 39.39 19.96 -6.74
N SER C 249 38.12 20.27 -6.49
CA SER C 249 37.48 21.57 -6.75
C SER C 249 36.15 21.66 -6.02
N GLU C 250 35.62 22.88 -5.92
CA GLU C 250 34.34 23.10 -5.26
C GLU C 250 33.25 22.22 -5.84
N THR C 251 33.42 21.84 -7.10
CA THR C 251 32.44 20.99 -7.79
C THR C 251 32.66 19.52 -7.44
N ALA C 253 32.39 16.45 -4.55
CA ALA C 253 31.34 16.46 -3.54
C ALA C 253 30.46 17.70 -3.66
N ASN C 254 29.41 17.76 -2.84
CA ASN C 254 28.49 18.89 -2.87
C ASN C 254 29.15 20.17 -2.36
N GLN C 255 28.31 21.12 -1.93
CA GLN C 255 28.81 22.40 -1.42
C GLN C 255 29.51 22.30 -0.06
N GLY C 256 30.72 22.85 -0.01
CA GLY C 256 31.42 23.12 1.24
C GLY C 256 32.14 21.94 1.81
N TYR C 257 32.59 21.02 0.96
CA TYR C 257 33.55 19.96 1.38
C TYR C 257 35.00 20.20 0.89
N TYR C 258 35.16 21.04 -0.13
CA TYR C 258 36.47 21.38 -0.70
C TYR C 258 37.27 22.28 0.27
N LEU C 259 38.54 21.91 0.46
CA LEU C 259 39.48 22.66 1.30
C LEU C 259 40.35 23.49 0.35
N THR C 260 40.69 24.71 0.75
CA THR C 260 41.63 25.52 -0.04
C THR C 260 43.00 24.91 0.21
N PRO C 261 43.95 25.04 -0.75
CA PRO C 261 45.31 24.56 -0.45
C PRO C 261 45.81 24.96 0.95
N ASP C 262 45.60 26.21 1.40
CA ASP C 262 46.03 26.58 2.79
C ASP C 262 45.48 25.60 3.86
N GLU C 263 44.22 25.22 3.72
CA GLU C 263 43.56 24.32 4.66
C GLU C 263 44.11 22.89 4.61
N VAL C 264 44.28 22.34 3.41
CA VAL C 264 44.93 21.02 3.27
C VAL C 264 46.31 21.00 3.97
N GLU C 265 47.11 22.05 3.72
CA GLU C 265 48.45 22.17 4.32
C GLU C 265 48.41 22.12 5.87
N SER C 266 47.39 22.77 6.44
CA SER C 266 47.12 22.73 7.87
C SER C 266 46.70 21.34 8.36
N LEU C 267 45.79 20.65 7.63
CA LEU C 267 45.37 19.27 7.98
C LEU C 267 46.51 18.27 7.82
N VAL C 268 47.20 18.39 6.68
CA VAL C 268 48.32 17.52 6.38
C VAL C 268 49.43 17.61 7.44
N SER C 269 49.90 18.83 7.75
CA SER C 269 51.02 19.01 8.70
C SER C 269 50.72 18.31 10.02
N THR C 270 49.47 18.48 10.48
CA THR C 270 48.99 17.78 11.68
C THR C 270 49.09 16.23 11.56
N TYR C 271 48.32 15.66 10.63
CA TYR C 271 48.33 14.22 10.41
C TYR C 271 49.63 13.77 9.77
N MET C 272 50.54 14.71 9.55
CA MET C 272 51.83 14.41 8.93
C MET C 272 52.90 14.15 9.99
N ASP C 273 52.62 14.57 11.22
CA ASP C 273 53.56 14.39 12.32
C ASP C 273 53.09 13.29 13.26
N ARG C 274 51.80 13.39 13.53
CA ARG C 274 51.10 12.51 14.40
C ARG C 274 51.30 11.08 14.00
N TYR C 275 51.07 10.74 12.74
CA TYR C 275 51.25 9.39 12.28
C TYR C 275 52.21 9.24 11.10
N PRO C 276 53.51 9.31 11.36
CA PRO C 276 54.54 9.37 10.32
C PRO C 276 54.58 8.11 9.47
N ASP C 277 54.65 6.96 10.12
CA ASP C 277 54.71 5.65 9.39
C ASP C 277 53.40 5.27 8.64
N THR C 278 52.26 5.74 9.16
CA THR C 278 50.89 5.36 8.75
C THR C 278 50.31 6.27 7.67
N PHE C 279 50.46 7.59 7.85
CA PHE C 279 49.93 8.58 6.91
C PHE C 279 50.59 8.45 5.52
N GLY C 280 49.76 8.13 4.54
CA GLY C 280 50.21 7.77 3.20
C GLY C 280 50.24 8.93 2.23
N GLY C 281 49.45 9.97 2.50
CA GLY C 281 49.38 11.07 1.57
C GLY C 281 47.95 11.51 1.28
N ILE C 282 47.73 11.85 0.01
CA ILE C 282 46.45 12.46 -0.39
C ILE C 282 45.85 11.83 -1.63
N MET C 283 44.55 11.57 -1.51
CA MET C 283 43.80 11.03 -2.61
C MET C 283 42.94 12.21 -3.09
N LEU C 284 42.76 12.35 -4.37
CA LEU C 284 41.87 13.37 -4.85
C LEU C 284 40.82 12.74 -5.72
N TRP C 285 39.58 13.21 -5.60
CA TRP C 285 38.48 12.69 -6.38
C TRP C 285 37.75 13.81 -7.11
N GLU C 286 37.93 13.86 -8.43
CA GLU C 286 38.79 12.90 -9.13
C GLU C 286 40.02 13.58 -9.71
N ALA C 287 39.96 13.90 -11.00
CA ALA C 287 41.07 14.56 -11.68
C ALA C 287 40.59 15.75 -12.49
N THR C 288 39.84 15.48 -13.55
CA THR C 288 39.31 16.56 -14.43
C THR C 288 38.86 17.76 -13.59
N ALA C 289 38.36 17.45 -12.39
CA ALA C 289 38.25 18.35 -11.20
C ALA C 289 39.49 19.20 -10.94
N SER C 290 40.64 18.54 -10.89
CA SER C 290 41.91 19.19 -10.59
C SER C 290 42.32 20.08 -11.76
N GLU C 291 42.31 19.51 -12.98
CA GLU C 291 42.65 20.22 -14.25
C GLU C 291 41.85 21.52 -14.46
N ASN C 292 40.51 21.44 -14.27
CA ASN C 292 39.58 22.61 -14.33
C ASN C 292 39.57 23.51 -13.04
N ASN C 293 40.67 23.40 -12.25
CA ASN C 293 41.04 24.21 -11.05
C ASN C 293 42.51 24.62 -11.01
N GLN C 294 42.86 25.67 -11.75
CA GLN C 294 44.21 26.19 -11.69
C GLN C 294 44.35 27.31 -10.66
N ILE C 295 45.16 27.06 -9.64
CA ILE C 295 45.60 28.16 -8.79
C ILE C 295 47.02 28.52 -9.25
N ASP C 296 47.15 29.75 -9.78
CA ASP C 296 48.36 30.26 -10.44
C ASP C 296 48.85 29.44 -11.64
N GLY C 297 47.96 29.13 -12.57
CA GLY C 297 48.42 28.41 -13.77
C GLY C 297 49.13 27.10 -13.43
N ALA C 298 48.73 26.55 -12.30
CA ALA C 298 49.18 25.24 -11.81
C ALA C 298 47.98 24.44 -11.23
N PRO C 299 47.70 23.25 -11.81
CA PRO C 299 46.57 22.37 -11.42
C PRO C 299 46.54 21.89 -9.94
N TYR C 300 45.32 21.75 -9.40
CA TYR C 300 45.08 21.53 -7.94
C TYR C 300 45.97 20.47 -7.37
N ALA C 301 45.97 19.34 -8.09
CA ALA C 301 46.72 18.16 -7.73
C ALA C 301 48.23 18.51 -7.51
N ASP C 302 48.81 19.33 -8.39
CA ASP C 302 50.22 19.69 -8.25
C ASP C 302 50.42 20.35 -6.92
N HIS C 303 49.46 21.22 -6.53
CA HIS C 303 49.47 21.88 -5.21
C HIS C 303 49.48 20.94 -4.00
N MET C 304 48.62 19.90 -4.02
CA MET C 304 48.61 18.86 -2.98
C MET C 304 50.01 18.23 -2.90
N LYS C 305 50.72 18.22 -4.03
CA LYS C 305 52.06 17.59 -4.14
C LYS C 305 53.13 18.49 -3.58
N ASP C 306 53.01 19.81 -3.81
CA ASP C 306 53.71 20.84 -3.01
C ASP C 306 53.57 20.51 -1.51
N ILE C 307 52.32 20.43 -1.05
CA ILE C 307 52.03 20.22 0.38
C ILE C 307 52.80 19.04 0.96
N LEU C 308 52.80 17.90 0.27
CA LEU C 308 53.35 16.62 0.79
C LEU C 308 54.89 16.56 0.90
N LEU C 309 55.55 17.44 0.14
CA LEU C 309 57.00 17.41 -0.11
C LEU C 309 57.67 18.65 0.46
#